data_8U6M
#
_entry.id   8U6M
#
_cell.length_a   226.143
_cell.length_b   69.736
_cell.length_c   105.246
_cell.angle_alpha   90.00
_cell.angle_beta   106.20
_cell.angle_gamma   90.00
#
_symmetry.space_group_name_H-M   'C 1 2 1'
#
loop_
_entity.id
_entity.type
_entity.pdbx_description
1 polymer 'Reverse transcriptase/ribonuclease H'
2 polymer 'p51 RT'
3 non-polymer N-[2-(2-{[(4R)-6-chloro-2-cyanoindolizin-8-yl]oxy}phenoxy)ethyl]-N-methylpropanamide
4 water water
#
loop_
_entity_poly.entity_id
_entity_poly.type
_entity_poly.pdbx_seq_one_letter_code
_entity_poly.pdbx_strand_id
1 'polypeptide(L)'
;MVPISPIETVPVKLKPGMDGPKVKQWPLTEEKIKALVEICTEMEKEGKISKIGPENPYNTPVFAIKKKDSTKWRKLVDFR
ELNKRTQDFWEVQLGIPHPAGLKKKKSVTVLDVGDAYFSVPLDEDFRKYTAFTIPSINNETPGIRYQYNVLPQGWKGSPA
IFQSSMTKILEPFAAQNPDIVIYQYMDDLYVGSDLEIGQHRTKIEELRQHLLRWGLTTPDKKHQKEPPFLWMGYELHPDK
WTVQPIVLPEKDSWTVNDIQKLVGKLNWASQIYPGIKVRQLSKLLRGTKALTEVIPLTEEAELELAENREILKEPVHGVY
YDPSKDLIAEIQKQGQGQWTYQIYQEPFKNLKTGKYARMRGAHTNDVKQLTEAVQKITTESIVIWGKTPKFKLPIQKETW
ETWWTEYWQATWIPEWEFVNTPPLVKLWYQLEKEPIVGAETFYVDGAANRETKLGKAGYVTNKGRQKVVPLTNTTNQKTE
LQAIYLALQDSGLEVNIVTDSQYALGIIQAQPDKSESELVNQIIEQLIKKEKVYLAWVPAHKGIGGNEQVDKLVSAG
;
A
2 'polypeptide(L)'
;PISPIETVPVKLKPGMDGPKVKQWPLTEEKIKALVEICTEMEKEGKISKIGPENPYNTPVFAIKKKDSTKWRKLVDFREL
NKRTQDFWEVQLGIPHPAGLKKKKSVTVLDVGDAYFSVPLDEDFRKYTAFTIPSINNETPGIRYQYNVLPQGWKGSPAIF
QSSMTKILEPFKKQNPDIVIYQYMDDLYVGSDLEIGQHRTKIEELRQHLLRWGLTTPDKKHQKEPPFLWMGYELHPDKWT
VQPIVLPEKDSWTVNDIQKLVGKLNWASQIYPGIKVRQLSKLLRGTKALTEVIPLTEEAELELAENREILKEPVHGVYYD
PSKDLIAEIQKQGQGQWTYQIYQEPFKNLKTGKYARMRGAHTNDVKQLTEAVQKITTESIVIWGKTPKFKLPIQKETWET
WWTEYWQATWIPEWEFVNTPPLVKLWYQ
;
B
#
loop_
_chem_comp.id
_chem_comp.type
_chem_comp.name
_chem_comp.formula
VW2 non-polymer N-[2-(2-{[(4R)-6-chloro-2-cyanoindolizin-8-yl]oxy}phenoxy)ethyl]-N-methylpropanamide 'C21 H20 Cl N3 O3'
#
# COMPACT_ATOMS: atom_id res chain seq x y z
N ILE A 4 -11.05 -26.58 -33.48
CA ILE A 4 -11.35 -25.12 -33.45
C ILE A 4 -12.71 -24.93 -32.78
N SER A 5 -13.27 -23.72 -32.83
CA SER A 5 -14.53 -23.48 -32.09
C SER A 5 -15.32 -22.31 -32.69
N PRO A 6 -16.66 -22.32 -32.59
CA PRO A 6 -17.53 -21.23 -33.08
C PRO A 6 -17.60 -20.10 -32.07
N ILE A 7 -16.63 -20.11 -31.13
CA ILE A 7 -16.45 -19.00 -30.22
C ILE A 7 -16.19 -17.73 -30.99
N GLU A 8 -16.67 -16.61 -30.45
CA GLU A 8 -16.34 -15.31 -31.03
C GLU A 8 -14.89 -14.95 -30.81
N THR A 9 -14.26 -14.37 -31.83
CA THR A 9 -12.88 -13.96 -31.66
C THR A 9 -12.77 -12.66 -30.87
N VAL A 10 -11.72 -12.56 -30.04
CA VAL A 10 -11.32 -11.32 -29.40
C VAL A 10 -10.52 -10.48 -30.38
N PRO A 11 -10.94 -9.24 -30.68
CA PRO A 11 -10.18 -8.40 -31.63
C PRO A 11 -8.87 -7.90 -31.04
N VAL A 12 -7.80 -8.00 -31.83
CA VAL A 12 -6.43 -7.76 -31.37
C VAL A 12 -5.77 -6.72 -32.26
N LYS A 13 -4.98 -5.84 -31.65
CA LYS A 13 -4.30 -4.77 -32.44
C LYS A 13 -2.80 -4.80 -32.14
N LEU A 14 -1.99 -4.25 -33.05
CA LEU A 14 -0.52 -4.18 -32.84
C LEU A 14 -0.21 -2.88 -32.10
N LYS A 15 0.86 -2.88 -31.30
CA LYS A 15 1.20 -1.69 -30.48
C LYS A 15 1.19 -0.46 -31.38
N PRO A 16 0.74 0.70 -30.86
CA PRO A 16 0.65 1.91 -31.67
C PRO A 16 1.86 2.16 -32.57
N GLY A 17 1.62 2.62 -33.79
CA GLY A 17 2.73 2.94 -34.71
C GLY A 17 3.74 1.82 -34.81
N MET A 18 3.29 0.62 -35.17
CA MET A 18 4.23 -0.51 -35.37
C MET A 18 3.70 -1.36 -36.53
N ASP A 19 4.51 -2.26 -37.07
CA ASP A 19 4.02 -3.17 -38.14
C ASP A 19 4.40 -4.61 -37.82
N GLY A 20 3.90 -5.55 -38.60
CA GLY A 20 4.13 -6.98 -38.31
C GLY A 20 5.57 -7.41 -38.42
N PRO A 21 5.92 -8.61 -37.93
CA PRO A 21 7.31 -9.08 -37.94
C PRO A 21 7.71 -9.61 -39.32
N LYS A 22 8.87 -9.16 -39.82
CA LYS A 22 9.40 -9.64 -41.09
C LYS A 22 10.78 -10.25 -40.88
N VAL A 23 10.90 -11.13 -39.89
CA VAL A 23 12.20 -11.80 -39.63
C VAL A 23 12.42 -12.87 -40.70
N LYS A 24 13.67 -13.28 -40.92
CA LYS A 24 13.96 -14.26 -42.01
C LYS A 24 14.16 -15.65 -41.42
N GLN A 25 13.85 -16.69 -42.21
CA GLN A 25 13.95 -18.08 -41.70
C GLN A 25 15.29 -18.67 -42.08
N TRP A 26 16.16 -18.90 -41.09
CA TRP A 26 17.45 -19.57 -41.38
C TRP A 26 17.15 -21.01 -41.79
N PRO A 27 17.94 -21.64 -42.68
CA PRO A 27 17.73 -23.05 -43.03
C PRO A 27 18.28 -23.98 -41.95
N LEU A 28 17.82 -25.23 -42.00
CA LEU A 28 18.32 -26.25 -41.08
C LEU A 28 18.09 -27.62 -41.72
N THR A 29 18.30 -28.67 -40.92
CA THR A 29 18.28 -30.05 -41.38
C THR A 29 17.11 -30.30 -42.33
N GLU A 30 17.40 -30.94 -43.46
CA GLU A 30 16.33 -31.49 -44.28
C GLU A 30 15.52 -32.49 -43.47
N GLU A 31 16.18 -33.26 -42.60
CA GLU A 31 15.45 -34.14 -41.70
C GLU A 31 14.38 -33.37 -40.97
N LYS A 32 14.73 -32.20 -40.43
CA LYS A 32 13.73 -31.31 -39.86
C LYS A 32 12.74 -30.83 -40.92
N ILE A 33 13.26 -30.35 -42.07
CA ILE A 33 12.38 -29.75 -43.09
C ILE A 33 11.25 -30.70 -43.46
N LYS A 34 11.55 -32.01 -43.46
CA LYS A 34 10.51 -33.00 -43.75
C LYS A 34 9.53 -33.10 -42.58
N ALA A 35 10.06 -33.37 -41.38
CA ALA A 35 9.20 -33.59 -40.23
C ALA A 35 8.34 -32.38 -39.91
N LEU A 36 8.70 -31.19 -40.40
CA LEU A 36 7.82 -30.03 -40.28
C LEU A 36 6.61 -30.16 -41.20
N VAL A 37 6.83 -30.50 -42.47
CA VAL A 37 5.73 -30.59 -43.41
C VAL A 37 4.76 -31.69 -43.03
N GLU A 38 5.24 -32.72 -42.31
CA GLU A 38 4.32 -33.75 -41.82
C GLU A 38 3.42 -33.24 -40.69
N ILE A 39 3.79 -32.12 -40.05
CA ILE A 39 2.95 -31.51 -39.02
C ILE A 39 2.01 -30.48 -39.62
N CYS A 40 2.47 -29.76 -40.63
CA CYS A 40 1.71 -28.66 -41.21
C CYS A 40 0.64 -29.08 -42.18
N THR A 41 0.64 -30.35 -42.61
CA THR A 41 -0.49 -30.88 -43.36
C THR A 41 -1.52 -31.49 -42.43
N GLU A 42 -1.08 -32.05 -41.30
CA GLU A 42 -2.02 -32.53 -40.30
C GLU A 42 -2.61 -31.40 -39.45
N MET A 43 -2.05 -30.19 -39.55
CA MET A 43 -2.61 -29.01 -38.88
C MET A 43 -3.46 -28.18 -39.83
N GLU A 44 -3.04 -28.07 -41.09
CA GLU A 44 -3.87 -27.45 -42.10
C GLU A 44 -5.15 -28.24 -42.31
N LYS A 45 -5.03 -29.58 -42.33
CA LYS A 45 -6.21 -30.43 -42.38
C LYS A 45 -7.17 -30.08 -41.26
N GLU A 46 -6.67 -30.06 -40.02
CA GLU A 46 -7.53 -29.77 -38.87
C GLU A 46 -7.95 -28.30 -38.79
N GLY A 47 -7.55 -27.47 -39.76
CA GLY A 47 -7.99 -26.09 -39.84
C GLY A 47 -7.23 -25.07 -39.01
N LYS A 48 -6.18 -25.48 -38.32
CA LYS A 48 -5.49 -24.59 -37.41
C LYS A 48 -4.55 -23.63 -38.13
N ILE A 49 -4.05 -23.99 -39.31
CA ILE A 49 -3.14 -23.14 -40.08
C ILE A 49 -3.54 -23.24 -41.54
N SER A 50 -4.10 -22.18 -42.08
CA SER A 50 -4.32 -22.13 -43.52
C SER A 50 -3.03 -21.73 -44.22
N LYS A 51 -2.90 -22.18 -45.46
CA LYS A 51 -1.69 -21.97 -46.25
C LYS A 51 -1.94 -20.86 -47.25
N ILE A 52 -1.13 -19.82 -47.22
CA ILE A 52 -1.14 -18.83 -48.29
C ILE A 52 0.05 -17.92 -48.10
N GLY A 53 0.68 -17.49 -49.20
CA GLY A 53 1.85 -16.66 -49.07
C GLY A 53 2.15 -15.61 -50.12
N PRO A 54 1.23 -15.34 -51.04
CA PRO A 54 1.60 -14.50 -52.18
C PRO A 54 2.08 -13.11 -51.75
N GLU A 55 1.20 -12.35 -51.12
CA GLU A 55 1.43 -10.94 -50.87
C GLU A 55 1.81 -10.63 -49.43
N ASN A 56 1.49 -11.51 -48.49
CA ASN A 56 1.82 -11.29 -47.09
C ASN A 56 3.32 -11.06 -46.93
N PRO A 57 3.75 -9.89 -46.48
CA PRO A 57 5.19 -9.59 -46.41
C PRO A 57 5.87 -9.94 -45.09
N TYR A 58 5.12 -10.38 -44.08
CA TYR A 58 5.70 -10.65 -42.77
C TYR A 58 6.22 -12.08 -42.70
N ASN A 59 6.98 -12.37 -41.65
CA ASN A 59 7.39 -13.74 -41.41
C ASN A 59 7.91 -13.87 -39.99
N THR A 60 7.94 -15.12 -39.52
CA THR A 60 8.44 -15.50 -38.21
C THR A 60 9.22 -16.80 -38.35
N PRO A 61 10.28 -16.96 -37.57
CA PRO A 61 11.06 -18.21 -37.60
C PRO A 61 10.31 -19.39 -37.02
N VAL A 62 10.70 -20.60 -37.49
CA VAL A 62 10.19 -21.88 -37.00
C VAL A 62 11.35 -22.88 -36.93
N PHE A 63 11.46 -23.60 -35.81
CA PHE A 63 12.51 -24.61 -35.58
C PHE A 63 11.85 -25.96 -35.35
N ALA A 64 12.65 -27.00 -35.09
CA ALA A 64 12.13 -28.33 -34.82
C ALA A 64 12.95 -29.01 -33.74
N ILE A 65 12.25 -29.81 -32.93
CA ILE A 65 12.92 -30.53 -31.81
C ILE A 65 12.20 -31.87 -31.64
N LYS A 66 12.68 -32.71 -30.73
CA LYS A 66 12.11 -34.05 -30.57
C LYS A 66 12.02 -34.41 -29.09
N LYS A 67 10.99 -35.21 -28.76
CA LYS A 67 10.77 -35.70 -27.40
C LYS A 67 11.24 -37.14 -27.22
N THR A 71 9.69 -40.35 -30.03
CA THR A 71 9.06 -41.03 -31.19
C THR A 71 8.73 -40.00 -32.27
N LYS A 72 8.14 -38.87 -31.89
CA LYS A 72 7.71 -37.86 -32.88
C LYS A 72 8.44 -36.54 -32.66
N TRP A 73 8.51 -35.69 -33.70
CA TRP A 73 9.14 -34.37 -33.57
C TRP A 73 8.09 -33.33 -33.18
N ARG A 74 8.53 -32.14 -32.76
CA ARG A 74 7.60 -31.10 -32.37
C ARG A 74 7.98 -29.78 -33.03
N LYS A 75 6.98 -29.07 -33.54
CA LYS A 75 7.20 -27.81 -34.22
C LYS A 75 7.33 -26.68 -33.21
N LEU A 76 8.11 -25.68 -33.57
CA LEU A 76 8.40 -24.60 -32.65
C LEU A 76 8.55 -23.29 -33.41
N VAL A 77 7.96 -22.23 -32.88
CA VAL A 77 7.99 -20.91 -33.51
C VAL A 77 8.39 -19.88 -32.46
N ASP A 78 9.46 -19.15 -32.74
CA ASP A 78 9.97 -18.11 -31.86
C ASP A 78 9.18 -16.84 -32.13
N PHE A 79 8.18 -16.57 -31.30
CA PHE A 79 7.34 -15.42 -31.51
C PHE A 79 7.87 -14.13 -30.90
N ARG A 80 9.01 -14.21 -30.19
CA ARG A 80 9.47 -13.08 -29.37
C ARG A 80 9.48 -11.76 -30.14
N GLU A 81 9.70 -11.80 -31.46
CA GLU A 81 9.65 -10.54 -32.21
C GLU A 81 8.23 -10.07 -32.47
N LEU A 82 7.26 -10.99 -32.66
CA LEU A 82 5.87 -10.54 -32.80
C LEU A 82 5.29 -10.16 -31.45
N ASN A 83 5.61 -10.92 -30.41
CA ASN A 83 5.19 -10.53 -29.07
C ASN A 83 5.65 -9.14 -28.69
N LYS A 84 6.69 -8.64 -29.34
CA LYS A 84 7.23 -7.33 -28.94
C LYS A 84 6.41 -6.23 -29.63
N ARG A 85 5.42 -6.61 -30.44
CA ARG A 85 4.64 -5.60 -31.20
C ARG A 85 3.15 -5.80 -31.00
N THR A 86 2.74 -6.88 -30.33
CA THR A 86 1.30 -7.09 -30.04
C THR A 86 0.91 -6.21 -28.85
N GLN A 87 -0.37 -5.92 -28.71
CA GLN A 87 -0.82 -5.00 -27.65
C GLN A 87 -0.79 -5.61 -26.25
N ASP A 88 -0.83 -4.78 -25.23
CA ASP A 88 -0.95 -5.19 -23.81
C ASP A 88 -2.35 -5.75 -23.60
N PHE A 89 -2.44 -6.91 -22.96
CA PHE A 89 -3.71 -7.53 -22.62
C PHE A 89 -3.93 -7.40 -21.12
N TRP A 90 -5.17 -7.61 -20.69
CA TRP A 90 -5.43 -7.78 -19.26
C TRP A 90 -4.58 -8.91 -18.73
N GLU A 91 -3.86 -8.63 -17.63
CA GLU A 91 -2.97 -9.62 -17.07
C GLU A 91 -3.73 -10.86 -16.65
N VAL A 92 -3.21 -12.04 -17.00
CA VAL A 92 -3.80 -13.25 -16.44
C VAL A 92 -3.45 -13.35 -14.95
N GLN A 93 -4.24 -14.14 -14.22
CA GLN A 93 -4.12 -14.23 -12.76
C GLN A 93 -2.64 -14.20 -12.33
N LEU A 94 -2.33 -13.32 -11.38
CA LEU A 94 -0.97 -13.23 -10.86
C LEU A 94 -0.72 -14.27 -9.76
N GLY A 95 -1.44 -14.14 -8.64
CA GLY A 95 -1.33 -15.11 -7.57
C GLY A 95 -2.37 -16.20 -7.70
N ILE A 96 -2.16 -17.26 -6.94
CA ILE A 96 -2.98 -18.46 -7.04
C ILE A 96 -3.65 -18.71 -5.69
N PRO A 97 -4.78 -19.40 -5.68
CA PRO A 97 -5.53 -19.55 -4.44
C PRO A 97 -4.79 -20.40 -3.45
N HIS A 98 -5.03 -20.11 -2.17
CA HIS A 98 -4.34 -20.86 -1.12
C HIS A 98 -5.21 -21.97 -0.56
N PRO A 99 -4.66 -23.17 -0.38
CA PRO A 99 -5.49 -24.30 0.07
C PRO A 99 -6.22 -24.01 1.36
N ALA A 100 -5.68 -23.16 2.23
CA ALA A 100 -6.36 -22.89 3.49
C ALA A 100 -7.63 -22.06 3.30
N GLY A 101 -7.85 -21.51 2.10
CA GLY A 101 -9.07 -20.79 1.78
C GLY A 101 -10.16 -21.56 1.05
N LEU A 102 -9.96 -22.87 0.81
CA LEU A 102 -10.94 -23.66 0.11
C LEU A 102 -11.94 -24.28 1.08
N LYS A 103 -13.15 -24.50 0.59
CA LYS A 103 -14.20 -25.15 1.36
C LYS A 103 -14.24 -26.60 0.91
N LYS A 104 -14.16 -27.50 1.88
CA LYS A 104 -14.27 -28.93 1.62
C LYS A 104 -15.54 -29.26 0.82
N LYS A 105 -15.35 -30.04 -0.24
CA LYS A 105 -16.46 -30.52 -1.07
C LYS A 105 -16.53 -32.04 -1.04
N LYS A 106 -17.74 -32.56 -1.18
CA LYS A 106 -17.91 -34.00 -1.06
C LYS A 106 -17.07 -34.75 -2.09
N SER A 107 -16.90 -34.14 -3.25
CA SER A 107 -16.13 -34.80 -4.33
C SER A 107 -15.53 -33.74 -5.27
N VAL A 108 -14.31 -33.97 -5.76
CA VAL A 108 -13.61 -33.01 -6.61
C VAL A 108 -13.02 -33.75 -7.81
N THR A 109 -13.28 -33.24 -9.01
CA THR A 109 -12.74 -33.78 -10.25
C THR A 109 -11.80 -32.78 -10.92
N VAL A 110 -10.70 -33.29 -11.49
CA VAL A 110 -9.72 -32.46 -12.19
C VAL A 110 -9.79 -32.83 -13.65
N LEU A 111 -10.03 -31.83 -14.49
CA LEU A 111 -10.16 -32.01 -15.94
C LEU A 111 -9.15 -31.12 -16.64
N ASP A 112 -8.29 -31.70 -17.48
CA ASP A 112 -7.31 -30.92 -18.22
C ASP A 112 -7.66 -30.95 -19.69
N VAL A 113 -7.85 -29.77 -20.28
CA VAL A 113 -8.20 -29.68 -21.69
C VAL A 113 -6.91 -29.72 -22.51
N GLY A 114 -6.88 -30.62 -23.49
CA GLY A 114 -5.74 -30.71 -24.37
C GLY A 114 -5.88 -29.79 -25.54
N ASP A 115 -4.75 -29.41 -26.13
CA ASP A 115 -4.79 -28.55 -27.31
C ASP A 115 -5.44 -27.20 -27.03
N ALA A 116 -5.50 -26.81 -25.76
CA ALA A 116 -6.29 -25.65 -25.35
C ALA A 116 -6.17 -24.49 -26.32
N TYR A 117 -4.95 -24.03 -26.62
CA TYR A 117 -4.84 -22.81 -27.40
C TYR A 117 -5.28 -23.03 -28.84
N PHE A 118 -5.00 -24.20 -29.40
CA PHE A 118 -5.37 -24.47 -30.78
C PHE A 118 -6.87 -24.67 -30.97
N SER A 119 -7.60 -24.95 -29.90
CA SER A 119 -9.04 -25.08 -30.00
C SER A 119 -9.76 -23.74 -30.06
N VAL A 120 -9.06 -22.61 -29.99
CA VAL A 120 -9.71 -21.30 -29.87
C VAL A 120 -9.33 -20.47 -31.08
N PRO A 121 -10.28 -19.87 -31.79
CA PRO A 121 -9.97 -19.11 -32.99
C PRO A 121 -9.31 -17.77 -32.71
N LEU A 122 -8.54 -17.31 -33.69
CA LEU A 122 -7.77 -16.09 -33.61
C LEU A 122 -8.39 -15.03 -34.52
N ASP A 123 -8.47 -13.80 -34.00
CA ASP A 123 -9.14 -12.71 -34.72
C ASP A 123 -8.63 -12.64 -36.17
N GLU A 124 -9.57 -12.56 -37.10
CA GLU A 124 -9.21 -12.66 -38.51
C GLU A 124 -8.20 -11.58 -38.92
N ASP A 125 -8.53 -10.30 -38.67
CA ASP A 125 -7.71 -9.23 -39.24
C ASP A 125 -6.28 -9.24 -38.71
N PHE A 126 -5.99 -10.13 -37.77
CA PHE A 126 -4.69 -10.24 -37.12
C PHE A 126 -3.97 -11.52 -37.49
N ARG A 127 -4.55 -12.37 -38.32
CA ARG A 127 -3.89 -13.64 -38.64
C ARG A 127 -2.69 -13.44 -39.55
N LYS A 128 -2.72 -12.38 -40.36
CA LYS A 128 -1.65 -12.18 -41.34
C LYS A 128 -0.30 -12.00 -40.67
N TYR A 129 -0.28 -11.50 -39.43
CA TYR A 129 0.98 -11.23 -38.76
C TYR A 129 1.59 -12.47 -38.12
N THR A 130 0.94 -13.63 -38.24
CA THR A 130 1.49 -14.89 -37.74
C THR A 130 2.16 -15.70 -38.84
N ALA A 131 2.31 -15.12 -40.03
CA ALA A 131 2.86 -15.84 -41.18
C ALA A 131 4.26 -16.41 -40.90
N PHE A 132 4.47 -17.65 -41.32
CA PHE A 132 5.77 -18.31 -41.28
C PHE A 132 5.99 -19.04 -42.60
N THR A 133 7.14 -19.71 -42.72
CA THR A 133 7.53 -20.38 -43.97
C THR A 133 8.41 -21.59 -43.70
N ILE A 134 8.03 -22.74 -44.26
CA ILE A 134 8.88 -23.93 -44.26
C ILE A 134 9.87 -23.82 -45.42
N PRO A 135 11.17 -23.90 -45.16
CA PRO A 135 12.16 -23.62 -46.21
C PRO A 135 12.28 -24.76 -47.22
N SER A 136 12.75 -24.41 -48.42
CA SER A 136 12.98 -25.40 -49.47
C SER A 136 14.34 -26.06 -49.24
N ILE A 137 14.78 -26.90 -50.18
CA ILE A 137 16.09 -27.53 -50.09
C ILE A 137 17.08 -26.68 -50.88
N ASN A 138 18.12 -26.19 -50.17
CA ASN A 138 19.15 -25.31 -50.75
C ASN A 138 18.58 -24.00 -51.27
N ASN A 139 17.44 -23.57 -50.72
CA ASN A 139 16.79 -22.31 -51.12
C ASN A 139 16.68 -22.18 -52.64
N GLU A 140 16.56 -23.31 -53.33
CA GLU A 140 16.38 -23.33 -54.77
C GLU A 140 14.91 -23.42 -55.17
N THR A 141 14.00 -23.44 -54.21
CA THR A 141 12.57 -23.52 -54.43
C THR A 141 11.84 -22.51 -53.54
N PRO A 142 10.65 -22.06 -53.93
CA PRO A 142 9.88 -21.17 -53.06
C PRO A 142 9.42 -21.90 -51.80
N GLY A 143 9.22 -21.13 -50.72
CA GLY A 143 8.82 -21.72 -49.46
C GLY A 143 7.32 -21.96 -49.37
N ILE A 144 6.96 -22.86 -48.46
CA ILE A 144 5.55 -23.15 -48.17
C ILE A 144 5.02 -22.07 -47.24
N ARG A 145 4.17 -21.19 -47.76
CA ARG A 145 3.65 -20.08 -46.97
C ARG A 145 2.43 -20.50 -46.16
N TYR A 146 2.46 -20.17 -44.85
CA TYR A 146 1.39 -20.51 -43.92
C TYR A 146 0.93 -19.32 -43.09
N GLN A 147 0.05 -19.57 -42.13
CA GLN A 147 -0.36 -18.63 -41.10
C GLN A 147 -1.36 -19.34 -40.18
N TYR A 148 -1.57 -18.76 -39.00
CA TYR A 148 -2.42 -19.36 -37.98
C TYR A 148 -3.87 -18.87 -38.09
N ASN A 149 -4.81 -19.74 -37.73
CA ASN A 149 -6.20 -19.36 -37.51
C ASN A 149 -6.61 -19.54 -36.06
N VAL A 150 -5.77 -20.16 -35.24
CA VAL A 150 -6.02 -20.29 -33.82
C VAL A 150 -4.92 -19.57 -33.03
N LEU A 151 -5.10 -19.54 -31.70
CA LEU A 151 -4.15 -18.99 -30.73
C LEU A 151 -2.83 -19.73 -30.81
N PRO A 152 -1.78 -19.10 -31.32
CA PRO A 152 -0.48 -19.79 -31.43
C PRO A 152 0.15 -20.01 -30.06
N GLN A 153 0.87 -21.13 -29.94
CA GLN A 153 1.62 -21.41 -28.70
C GLN A 153 2.69 -20.35 -28.47
N GLY A 154 2.72 -19.81 -27.25
CA GLY A 154 3.67 -18.77 -26.91
C GLY A 154 3.52 -17.48 -27.68
N TRP A 155 2.30 -17.00 -27.81
CA TRP A 155 2.04 -15.65 -28.25
C TRP A 155 1.54 -14.86 -27.03
N LYS A 156 1.84 -13.57 -27.02
CA LYS A 156 1.54 -12.74 -25.86
C LYS A 156 0.08 -12.89 -25.46
N GLY A 157 -0.82 -12.85 -26.46
CA GLY A 157 -2.26 -12.87 -26.29
C GLY A 157 -2.90 -14.20 -25.96
N SER A 158 -2.24 -15.33 -26.22
CA SER A 158 -2.93 -16.61 -26.09
C SER A 158 -3.44 -16.91 -24.68
N PRO A 159 -2.70 -16.70 -23.60
CA PRO A 159 -3.27 -17.13 -22.30
C PRO A 159 -4.53 -16.36 -21.93
N ALA A 160 -4.54 -15.05 -22.13
CA ALA A 160 -5.65 -14.26 -21.59
C ALA A 160 -6.92 -14.51 -22.39
N ILE A 161 -6.77 -14.58 -23.71
CA ILE A 161 -7.89 -14.88 -24.59
C ILE A 161 -8.42 -16.28 -24.34
N PHE A 162 -7.52 -17.27 -24.19
CA PHE A 162 -8.01 -18.59 -23.83
C PHE A 162 -8.84 -18.54 -22.56
N GLN A 163 -8.33 -17.87 -21.53
CA GLN A 163 -9.04 -17.90 -20.26
C GLN A 163 -10.42 -17.29 -20.41
N SER A 164 -10.52 -16.17 -21.13
CA SER A 164 -11.82 -15.52 -21.26
C SER A 164 -12.76 -16.30 -22.16
N SER A 165 -12.24 -17.04 -23.15
CA SER A 165 -13.09 -17.92 -23.93
C SER A 165 -13.61 -19.08 -23.10
N MET A 166 -12.74 -19.72 -22.35
CA MET A 166 -13.22 -20.76 -21.45
C MET A 166 -14.30 -20.20 -20.54
N THR A 167 -14.07 -19.02 -19.98
CA THR A 167 -15.04 -18.48 -19.03
C THR A 167 -16.40 -18.33 -19.71
N LYS A 168 -16.41 -17.85 -20.95
CA LYS A 168 -17.68 -17.66 -21.62
C LYS A 168 -18.33 -18.99 -21.95
N ILE A 169 -17.53 -19.97 -22.38
CA ILE A 169 -18.05 -21.30 -22.68
C ILE A 169 -18.66 -21.94 -21.44
N LEU A 170 -18.12 -21.66 -20.26
CA LEU A 170 -18.67 -22.23 -19.04
C LEU A 170 -20.01 -21.62 -18.65
N GLU A 171 -20.32 -20.40 -19.13
CA GLU A 171 -21.50 -19.69 -18.65
C GLU A 171 -22.81 -20.46 -18.81
N PRO A 172 -23.15 -21.02 -19.98
CA PRO A 172 -24.44 -21.73 -20.10
C PRO A 172 -24.56 -22.92 -19.17
N PHE A 173 -23.44 -23.44 -18.67
CA PHE A 173 -23.48 -24.62 -17.83
C PHE A 173 -23.48 -24.28 -16.35
N ALA A 174 -22.69 -23.28 -15.94
CA ALA A 174 -22.80 -22.81 -14.59
C ALA A 174 -24.22 -22.33 -14.28
N ALA A 175 -25.00 -22.07 -15.33
CA ALA A 175 -26.37 -21.57 -15.12
C ALA A 175 -27.28 -22.75 -14.76
N GLN A 176 -27.23 -23.81 -15.56
CA GLN A 176 -28.09 -24.98 -15.32
C GLN A 176 -27.55 -25.81 -14.17
N ASN A 177 -26.43 -25.41 -13.59
CA ASN A 177 -25.79 -26.22 -12.52
C ASN A 177 -25.27 -25.27 -11.45
N PRO A 178 -26.15 -24.51 -10.75
CA PRO A 178 -25.68 -23.51 -9.80
C PRO A 178 -25.26 -24.09 -8.45
N ASP A 179 -24.86 -25.36 -8.43
CA ASP A 179 -24.49 -26.01 -7.16
C ASP A 179 -23.08 -26.59 -7.32
N ILE A 180 -22.63 -26.71 -8.57
CA ILE A 180 -21.26 -27.22 -8.83
C ILE A 180 -20.30 -26.02 -8.78
N VAL A 181 -19.08 -26.25 -8.32
CA VAL A 181 -18.08 -25.15 -8.23
C VAL A 181 -16.97 -25.45 -9.23
N ILE A 182 -16.82 -24.59 -10.23
CA ILE A 182 -15.74 -24.73 -11.19
C ILE A 182 -14.70 -23.65 -10.93
N TYR A 183 -13.44 -24.06 -10.91
CA TYR A 183 -12.31 -23.16 -10.81
C TYR A 183 -11.50 -23.35 -12.09
N GLN A 184 -11.07 -22.26 -12.72
CA GLN A 184 -10.14 -22.32 -13.85
C GLN A 184 -8.71 -22.04 -13.39
N TYR A 185 -7.77 -22.73 -14.04
CA TYR A 185 -6.34 -22.46 -13.80
C TYR A 185 -5.57 -22.96 -15.00
N MET A 186 -5.06 -22.03 -15.80
CA MET A 186 -4.36 -22.36 -17.03
C MET A 186 -5.18 -23.31 -17.91
N ASP A 187 -4.64 -24.49 -18.22
CA ASP A 187 -5.34 -25.48 -19.02
C ASP A 187 -6.22 -26.43 -18.21
N ASP A 188 -6.33 -26.29 -16.89
CA ASP A 188 -7.12 -27.22 -16.10
C ASP A 188 -8.46 -26.60 -15.71
N LEU A 189 -9.38 -27.47 -15.30
CA LEU A 189 -10.61 -27.13 -14.59
C LEU A 189 -10.65 -27.98 -13.33
N TYR A 190 -11.14 -27.42 -12.23
CA TYR A 190 -11.29 -28.17 -10.98
C TYR A 190 -12.75 -28.02 -10.55
N VAL A 191 -13.46 -29.14 -10.53
CA VAL A 191 -14.90 -29.17 -10.37
C VAL A 191 -15.20 -29.85 -9.04
N GLY A 192 -16.10 -29.26 -8.26
CA GLY A 192 -16.43 -29.80 -6.96
C GLY A 192 -17.92 -29.66 -6.69
N SER A 193 -18.40 -30.49 -5.76
CA SER A 193 -19.82 -30.53 -5.47
C SER A 193 -20.06 -31.35 -4.23
N ASP A 194 -21.15 -31.02 -3.54
CA ASP A 194 -21.69 -31.85 -2.46
C ASP A 194 -22.84 -32.73 -2.96
N LEU A 195 -22.77 -33.13 -4.22
CA LEU A 195 -23.70 -34.10 -4.77
C LEU A 195 -23.20 -35.50 -4.47
N GLU A 196 -24.16 -36.41 -4.26
CA GLU A 196 -23.83 -37.80 -4.01
C GLU A 196 -23.21 -38.42 -5.26
N ILE A 197 -22.19 -39.24 -5.04
CA ILE A 197 -21.15 -39.54 -6.02
C ILE A 197 -21.69 -40.05 -7.36
N GLY A 198 -22.92 -40.54 -7.36
CA GLY A 198 -23.51 -41.00 -8.59
C GLY A 198 -24.04 -39.84 -9.40
N GLN A 199 -24.57 -38.83 -8.70
CA GLN A 199 -25.04 -37.63 -9.40
C GLN A 199 -23.82 -36.89 -9.97
N HIS A 200 -22.78 -36.73 -9.14
CA HIS A 200 -21.55 -36.00 -9.56
C HIS A 200 -21.03 -36.58 -10.87
N ARG A 201 -20.65 -37.87 -10.86
CA ARG A 201 -20.04 -38.48 -12.08
C ARG A 201 -20.89 -38.17 -13.31
N THR A 202 -22.22 -38.11 -13.14
CA THR A 202 -23.11 -37.79 -14.27
C THR A 202 -22.88 -36.35 -14.68
N LYS A 203 -22.98 -35.44 -13.73
CA LYS A 203 -22.73 -34.03 -14.02
C LYS A 203 -21.38 -33.84 -14.70
N ILE A 204 -20.34 -34.57 -14.26
CA ILE A 204 -19.03 -34.42 -14.89
C ILE A 204 -19.11 -34.75 -16.36
N GLU A 205 -19.81 -35.84 -16.70
CA GLU A 205 -19.91 -36.25 -18.09
C GLU A 205 -20.74 -35.25 -18.92
N GLU A 206 -21.66 -34.55 -18.26
CA GLU A 206 -22.44 -33.51 -18.96
C GLU A 206 -21.49 -32.37 -19.32
N LEU A 207 -20.67 -31.96 -18.35
CA LEU A 207 -19.72 -30.88 -18.55
C LEU A 207 -18.76 -31.23 -19.68
N ARG A 208 -18.24 -32.46 -19.68
CA ARG A 208 -17.35 -32.87 -20.76
C ARG A 208 -18.05 -32.78 -22.11
N GLN A 209 -19.33 -33.21 -22.18
CA GLN A 209 -20.06 -33.15 -23.45
C GLN A 209 -20.30 -31.70 -23.86
N HIS A 210 -20.68 -30.85 -22.90
CA HIS A 210 -20.75 -29.43 -23.19
C HIS A 210 -19.44 -28.93 -23.79
N LEU A 211 -18.32 -29.17 -23.09
CA LEU A 211 -17.03 -28.66 -23.56
C LEU A 211 -16.70 -29.22 -24.92
N LEU A 212 -17.14 -30.44 -25.19
CA LEU A 212 -16.81 -31.10 -26.45
C LEU A 212 -17.57 -30.48 -27.62
N ARG A 213 -18.82 -30.04 -27.40
CA ARG A 213 -19.57 -29.37 -28.46
C ARG A 213 -18.90 -28.06 -28.83
N TRP A 214 -18.16 -27.48 -27.90
CA TRP A 214 -17.43 -26.27 -28.17
C TRP A 214 -15.99 -26.52 -28.60
N GLY A 215 -15.59 -27.78 -28.72
CA GLY A 215 -14.34 -28.12 -29.35
C GLY A 215 -13.20 -28.32 -28.38
N LEU A 216 -13.48 -28.64 -27.13
CA LEU A 216 -12.47 -28.76 -26.07
C LEU A 216 -12.49 -30.21 -25.60
N THR A 217 -11.42 -30.92 -25.94
CA THR A 217 -11.26 -32.30 -25.54
C THR A 217 -10.96 -32.39 -24.05
N THR A 218 -11.24 -33.56 -23.48
CA THR A 218 -11.11 -33.70 -22.04
C THR A 218 -10.97 -35.18 -21.70
N PRO A 219 -10.37 -35.53 -20.54
CA PRO A 219 -10.14 -36.93 -20.19
C PRO A 219 -11.37 -37.64 -19.61
N ASP A 220 -11.45 -38.95 -19.83
CA ASP A 220 -12.57 -39.75 -19.27
C ASP A 220 -12.15 -40.19 -17.88
N LYS A 221 -13.10 -40.75 -17.11
CA LYS A 221 -12.74 -41.29 -15.78
C LYS A 221 -11.57 -42.25 -15.96
N LYS A 222 -11.47 -42.84 -17.16
CA LYS A 222 -10.38 -43.80 -17.46
C LYS A 222 -9.04 -43.05 -17.51
N HIS A 223 -9.07 -41.76 -17.21
CA HIS A 223 -7.83 -40.94 -17.25
C HIS A 223 -7.96 -39.74 -16.30
N GLN A 224 -9.03 -39.72 -15.50
CA GLN A 224 -9.26 -38.58 -14.58
C GLN A 224 -8.46 -38.83 -13.29
N LYS A 225 -7.63 -37.85 -12.89
CA LYS A 225 -6.79 -38.01 -11.71
C LYS A 225 -7.65 -38.25 -10.47
N GLU A 226 -7.00 -38.74 -9.41
CA GLU A 226 -7.73 -38.96 -8.14
C GLU A 226 -6.87 -38.47 -6.97
N PRO A 227 -7.49 -38.10 -5.84
CA PRO A 227 -6.73 -37.60 -4.70
C PRO A 227 -5.74 -38.67 -4.21
N PRO A 228 -4.65 -38.29 -3.51
CA PRO A 228 -4.36 -36.88 -3.22
C PRO A 228 -3.92 -36.14 -4.49
N PHE A 229 -3.92 -34.81 -4.47
CA PHE A 229 -3.59 -34.04 -5.69
C PHE A 229 -2.26 -33.31 -5.53
N LEU A 230 -1.37 -33.43 -6.52
CA LEU A 230 -0.07 -32.77 -6.50
C LEU A 230 -0.16 -31.55 -7.41
N TRP A 231 -0.37 -30.39 -6.80
CA TRP A 231 -0.75 -29.18 -7.51
C TRP A 231 0.05 -28.00 -6.96
N MET A 232 0.87 -27.41 -7.81
CA MET A 232 1.66 -26.24 -7.43
C MET A 232 2.38 -26.44 -6.08
N GLY A 233 3.03 -27.59 -5.94
CA GLY A 233 3.81 -27.85 -4.74
C GLY A 233 3.02 -28.08 -3.49
N TYR A 234 1.79 -28.58 -3.61
CA TYR A 234 0.94 -28.88 -2.47
C TYR A 234 0.50 -30.33 -2.53
N GLU A 235 -0.01 -30.80 -1.40
CA GLU A 235 -0.72 -32.08 -1.34
C GLU A 235 -2.14 -31.77 -0.89
N LEU A 236 -3.08 -31.99 -1.79
CA LEU A 236 -4.49 -31.71 -1.54
C LEU A 236 -5.18 -33.05 -1.28
N HIS A 237 -5.56 -33.27 -0.04
CA HIS A 237 -6.26 -34.46 0.39
C HIS A 237 -7.75 -34.18 0.53
N PRO A 238 -8.57 -35.21 0.64
CA PRO A 238 -10.02 -34.97 0.76
C PRO A 238 -10.41 -34.19 2.00
N ASP A 239 -9.67 -34.31 3.08
CA ASP A 239 -10.05 -33.67 4.33
C ASP A 239 -8.91 -32.84 4.92
N LYS A 240 -7.78 -32.73 4.21
CA LYS A 240 -6.61 -32.06 4.75
C LYS A 240 -5.73 -31.64 3.58
N TRP A 241 -4.80 -30.72 3.85
CA TRP A 241 -3.84 -30.25 2.87
C TRP A 241 -2.53 -30.12 3.61
N THR A 242 -1.44 -30.29 2.86
CA THR A 242 -0.10 -30.04 3.36
C THR A 242 0.79 -29.74 2.16
N VAL A 243 2.02 -29.35 2.43
CA VAL A 243 2.97 -29.07 1.37
C VAL A 243 3.60 -30.38 0.92
N GLN A 244 3.86 -30.49 -0.39
CA GLN A 244 4.57 -31.64 -0.93
C GLN A 244 5.89 -31.81 -0.19
N PRO A 245 6.40 -33.04 -0.06
CA PRO A 245 7.56 -33.28 0.81
C PRO A 245 8.75 -32.38 0.48
N ILE A 246 9.38 -31.86 1.54
CA ILE A 246 10.52 -30.94 1.44
C ILE A 246 11.80 -31.73 1.63
N VAL A 247 12.80 -31.48 0.78
CA VAL A 247 14.10 -32.15 0.86
C VAL A 247 15.17 -31.09 1.12
N LEU A 248 15.75 -31.13 2.32
CA LEU A 248 16.84 -30.24 2.67
C LEU A 248 18.17 -30.95 2.44
N PRO A 249 18.99 -30.49 1.51
CA PRO A 249 20.23 -31.20 1.20
C PRO A 249 21.21 -31.15 2.37
N GLU A 250 22.15 -32.11 2.37
CA GLU A 250 23.31 -32.06 3.24
C GLU A 250 24.55 -31.86 2.38
N LYS A 251 25.32 -30.84 2.70
CA LYS A 251 26.56 -30.56 2.00
C LYS A 251 27.58 -30.05 3.00
N ASP A 252 28.83 -29.98 2.55
CA ASP A 252 29.89 -29.36 3.34
C ASP A 252 30.45 -28.10 2.71
N SER A 253 30.19 -27.88 1.41
CA SER A 253 30.46 -26.62 0.74
C SER A 253 29.13 -26.07 0.21
N TRP A 254 28.71 -24.92 0.74
CA TRP A 254 27.43 -24.31 0.41
C TRP A 254 27.66 -23.05 -0.40
N THR A 255 26.98 -22.95 -1.54
CA THR A 255 27.15 -21.82 -2.45
C THR A 255 26.03 -20.80 -2.26
N VAL A 256 26.31 -19.56 -2.69
CA VAL A 256 25.32 -18.49 -2.57
C VAL A 256 24.05 -18.88 -3.29
N ASN A 257 24.17 -19.47 -4.48
CA ASN A 257 22.99 -19.97 -5.18
C ASN A 257 22.24 -20.97 -4.30
N ASP A 258 22.97 -21.85 -3.61
CA ASP A 258 22.33 -22.93 -2.85
C ASP A 258 21.71 -22.46 -1.54
N ILE A 259 22.13 -21.33 -0.99
CA ILE A 259 21.44 -20.80 0.19
C ILE A 259 20.12 -20.17 -0.21
N GLN A 260 20.08 -19.51 -1.37
CA GLN A 260 18.81 -19.03 -1.89
C GLN A 260 17.83 -20.18 -2.07
N LYS A 261 18.26 -21.25 -2.75
CA LYS A 261 17.39 -22.41 -2.96
C LYS A 261 16.94 -23.03 -1.64
N LEU A 262 17.76 -22.93 -0.60
CA LEU A 262 17.39 -23.54 0.68
C LEU A 262 16.48 -22.62 1.50
N VAL A 263 16.79 -21.32 1.48
CA VAL A 263 15.91 -20.33 2.11
C VAL A 263 14.55 -20.31 1.43
N GLY A 264 14.50 -20.71 0.16
CA GLY A 264 13.24 -20.92 -0.54
C GLY A 264 12.41 -22.02 0.10
N LYS A 265 12.92 -23.26 0.08
CA LYS A 265 12.15 -24.38 0.61
C LYS A 265 11.74 -24.13 2.06
N LEU A 266 12.52 -23.33 2.79
CA LEU A 266 12.19 -23.13 4.20
C LEU A 266 11.00 -22.18 4.35
N ASN A 267 10.97 -21.09 3.57
CA ASN A 267 9.80 -20.23 3.57
C ASN A 267 8.57 -20.99 3.09
N TRP A 268 8.72 -21.76 2.02
CA TRP A 268 7.63 -22.59 1.55
C TRP A 268 7.03 -23.43 2.67
N ALA A 269 7.87 -24.10 3.46
CA ALA A 269 7.34 -24.99 4.49
C ALA A 269 6.69 -24.22 5.63
N SER A 270 7.03 -22.94 5.79
CA SER A 270 6.54 -22.16 6.92
C SER A 270 5.04 -21.88 6.87
N GLN A 271 4.39 -22.06 5.73
CA GLN A 271 2.93 -21.89 5.71
C GLN A 271 2.20 -22.96 6.51
N ILE A 272 2.83 -24.12 6.76
CA ILE A 272 2.16 -25.17 7.53
C ILE A 272 3.01 -25.71 8.70
N TYR A 273 4.35 -25.86 8.50
CA TYR A 273 5.22 -26.33 9.58
C TYR A 273 5.55 -25.21 10.55
N PRO A 274 4.95 -25.20 11.73
CA PRO A 274 5.15 -24.08 12.65
C PRO A 274 6.56 -24.05 13.22
N GLY A 275 7.12 -22.83 13.31
CA GLY A 275 8.38 -22.58 13.97
C GLY A 275 9.61 -22.55 13.09
N ILE A 276 9.46 -22.62 11.77
CA ILE A 276 10.63 -22.50 10.91
C ILE A 276 11.26 -21.12 11.13
N LYS A 277 12.58 -21.10 11.30
CA LYS A 277 13.32 -19.84 11.38
C LYS A 277 14.23 -19.70 10.17
N VAL A 278 14.35 -18.47 9.65
CA VAL A 278 15.28 -18.23 8.55
C VAL A 278 16.11 -16.98 8.82
N ARG A 279 16.17 -16.54 10.09
CA ARG A 279 16.86 -15.30 10.43
C ARG A 279 18.36 -15.40 10.16
N GLN A 280 19.02 -16.37 10.81
CA GLN A 280 20.48 -16.51 10.70
C GLN A 280 20.92 -16.99 9.33
N LEU A 281 20.12 -17.86 8.68
CA LEU A 281 20.50 -18.38 7.35
C LEU A 281 20.41 -17.30 6.28
N SER A 282 19.49 -16.35 6.41
CA SER A 282 19.38 -15.26 5.44
C SER A 282 20.43 -14.19 5.69
N LYS A 283 20.70 -13.88 6.97
CA LYS A 283 21.81 -12.99 7.32
C LYS A 283 23.00 -13.23 6.41
N LEU A 284 23.33 -14.51 6.20
CA LEU A 284 24.43 -14.89 5.33
C LEU A 284 24.42 -14.14 4.00
N LEU A 285 23.30 -14.17 3.28
CA LEU A 285 23.31 -13.60 1.94
C LEU A 285 23.04 -12.08 1.95
N ARG A 286 23.72 -11.34 2.83
CA ARG A 286 23.44 -9.91 2.90
C ARG A 286 24.07 -9.16 1.73
N GLY A 287 25.40 -9.18 1.64
CA GLY A 287 26.08 -8.45 0.59
C GLY A 287 26.48 -9.32 -0.57
N THR A 288 25.62 -10.27 -0.91
CA THR A 288 25.95 -11.36 -1.83
C THR A 288 25.68 -10.93 -3.26
N LYS A 289 26.68 -11.10 -4.12
CA LYS A 289 26.50 -10.96 -5.56
C LYS A 289 26.85 -12.25 -6.30
N ALA A 290 28.00 -12.83 -6.01
CA ALA A 290 28.49 -13.99 -6.76
C ALA A 290 27.61 -15.19 -6.47
N LEU A 291 26.92 -15.70 -7.49
CA LEU A 291 26.00 -16.85 -7.26
C LEU A 291 26.80 -18.07 -6.84
N THR A 292 28.08 -18.13 -7.21
CA THR A 292 28.89 -19.31 -6.90
C THR A 292 29.76 -19.15 -5.66
N GLU A 293 30.14 -17.92 -5.30
CA GLU A 293 30.93 -17.65 -4.12
C GLU A 293 30.46 -18.51 -2.95
N VAL A 294 31.37 -19.34 -2.41
CA VAL A 294 31.05 -20.25 -1.33
C VAL A 294 31.01 -19.48 -0.02
N ILE A 295 30.19 -19.94 0.92
CA ILE A 295 29.94 -19.21 2.17
C ILE A 295 30.07 -20.14 3.36
N PRO A 296 30.75 -19.71 4.44
CA PRO A 296 30.86 -20.58 5.62
C PRO A 296 29.58 -20.60 6.41
N LEU A 297 29.10 -21.78 6.80
CA LEU A 297 27.91 -21.80 7.67
C LEU A 297 28.28 -21.22 9.04
N THR A 298 27.88 -19.98 9.33
CA THR A 298 28.13 -19.43 10.68
C THR A 298 27.60 -20.41 11.73
N GLU A 299 28.22 -20.45 12.90
CA GLU A 299 27.85 -21.42 13.92
C GLU A 299 26.36 -21.31 14.26
N GLU A 300 25.86 -20.07 14.43
CA GLU A 300 24.46 -19.86 14.79
C GLU A 300 23.53 -20.31 13.66
N ALA A 301 23.93 -20.07 12.41
CA ALA A 301 23.13 -20.54 11.28
C ALA A 301 22.99 -22.05 11.31
N GLU A 302 24.07 -22.77 11.61
CA GLU A 302 24.03 -24.23 11.64
C GLU A 302 23.07 -24.73 12.71
N LEU A 303 23.00 -24.05 13.86
CA LEU A 303 22.02 -24.43 14.87
C LEU A 303 20.60 -24.32 14.31
N GLU A 304 20.30 -23.19 13.66
CA GLU A 304 18.98 -22.99 13.07
C GLU A 304 18.65 -24.11 12.09
N LEU A 305 19.55 -24.36 11.13
CA LEU A 305 19.27 -25.38 10.14
C LEU A 305 18.94 -26.71 10.81
N ALA A 306 19.67 -27.05 11.86
CA ALA A 306 19.41 -28.28 12.61
C ALA A 306 18.03 -28.26 13.26
N GLU A 307 17.64 -27.11 13.84
CA GLU A 307 16.33 -26.98 14.46
C GLU A 307 15.22 -27.03 13.42
N ASN A 308 15.51 -26.56 12.20
CA ASN A 308 14.54 -26.69 11.11
C ASN A 308 14.37 -28.15 10.71
N ARG A 309 15.49 -28.88 10.54
CA ARG A 309 15.41 -30.31 10.21
C ARG A 309 14.56 -31.06 11.23
N GLU A 310 14.67 -30.68 12.51
CA GLU A 310 13.91 -31.36 13.55
C GLU A 310 12.42 -31.15 13.36
N ILE A 311 12.01 -29.94 12.96
CA ILE A 311 10.60 -29.63 12.74
C ILE A 311 10.05 -30.43 11.57
N LEU A 312 10.83 -30.55 10.49
CA LEU A 312 10.44 -31.28 9.30
C LEU A 312 10.46 -32.81 9.47
N LYS A 313 10.99 -33.33 10.60
CA LYS A 313 11.05 -34.79 10.79
C LYS A 313 9.70 -35.44 10.50
N GLU A 314 8.67 -35.08 11.27
CA GLU A 314 7.32 -35.62 11.14
C GLU A 314 6.44 -34.71 10.29
N PRO A 315 5.58 -35.28 9.43
CA PRO A 315 4.65 -34.44 8.68
C PRO A 315 3.64 -33.72 9.58
N VAL A 316 3.13 -32.59 9.07
CA VAL A 316 1.94 -31.97 9.63
C VAL A 316 1.03 -31.48 8.51
N HIS A 317 -0.24 -31.31 8.86
CA HIS A 317 -1.28 -30.96 7.89
C HIS A 317 -2.07 -29.74 8.37
N GLY A 318 -2.68 -29.07 7.38
CA GLY A 318 -3.69 -28.07 7.64
C GLY A 318 -5.07 -28.52 7.19
N VAL A 319 -6.11 -28.01 7.89
CA VAL A 319 -7.51 -28.14 7.53
C VAL A 319 -7.90 -27.05 6.53
N TYR A 320 -9.11 -27.21 5.95
CA TYR A 320 -9.81 -26.30 5.07
C TYR A 320 -10.73 -25.39 5.88
N TYR A 321 -11.32 -24.42 5.19
CA TYR A 321 -12.11 -23.38 5.88
C TYR A 321 -13.58 -23.75 6.03
N ASP A 322 -14.19 -23.28 7.11
CA ASP A 322 -15.64 -23.45 7.30
C ASP A 322 -16.19 -22.08 7.69
N PRO A 323 -16.81 -21.34 6.76
CA PRO A 323 -17.30 -20.01 7.05
C PRO A 323 -18.24 -20.01 8.26
N SER A 324 -18.65 -21.19 8.69
CA SER A 324 -19.59 -21.31 9.83
C SER A 324 -18.87 -21.01 11.13
N LYS A 325 -17.58 -21.34 11.19
CA LYS A 325 -16.82 -21.16 12.46
C LYS A 325 -16.03 -19.85 12.41
N ASP A 326 -15.64 -19.36 13.57
CA ASP A 326 -14.92 -18.06 13.64
C ASP A 326 -13.51 -18.21 13.07
N LEU A 327 -12.79 -17.10 12.92
CA LEU A 327 -11.42 -17.15 12.45
C LEU A 327 -10.54 -16.59 13.55
N ILE A 328 -9.56 -17.39 14.00
CA ILE A 328 -8.70 -17.03 15.11
C ILE A 328 -7.26 -16.99 14.63
N ALA A 329 -6.50 -16.01 15.14
CA ALA A 329 -5.07 -15.97 14.93
C ALA A 329 -4.36 -15.77 16.27
N GLU A 330 -3.28 -16.54 16.45
CA GLU A 330 -2.44 -16.43 17.67
C GLU A 330 -1.02 -16.07 17.23
N ILE A 331 -0.33 -15.28 18.04
CA ILE A 331 1.03 -14.83 17.77
C ILE A 331 1.95 -15.15 18.95
N GLN A 332 3.15 -15.66 18.64
CA GLN A 332 4.20 -15.86 19.63
C GLN A 332 5.50 -15.25 19.12
N LYS A 333 6.29 -14.68 20.05
CA LYS A 333 7.63 -14.22 19.74
C LYS A 333 8.60 -15.40 19.77
N GLN A 334 9.50 -15.42 18.80
CA GLN A 334 10.50 -16.48 18.68
C GLN A 334 11.88 -16.04 19.10
N GLY A 335 12.08 -14.74 19.31
CA GLY A 335 13.36 -14.22 19.73
C GLY A 335 14.14 -13.63 18.57
N GLN A 336 15.01 -12.65 18.88
CA GLN A 336 15.88 -12.07 17.83
C GLN A 336 15.04 -11.44 16.72
N GLY A 337 13.98 -10.74 17.08
CA GLY A 337 13.18 -10.06 16.07
C GLY A 337 12.38 -10.98 15.18
N GLN A 338 12.16 -12.20 15.62
CA GLN A 338 11.48 -13.23 14.86
C GLN A 338 10.14 -13.54 15.52
N TRP A 339 9.11 -13.73 14.70
CA TRP A 339 7.76 -13.96 15.18
C TRP A 339 7.13 -15.09 14.39
N THR A 340 6.17 -15.77 15.01
CA THR A 340 5.49 -16.87 14.36
C THR A 340 4.00 -16.82 14.70
N TYR A 341 3.17 -17.29 13.78
CA TYR A 341 1.71 -17.19 14.01
C TYR A 341 0.99 -18.40 13.43
N GLN A 342 -0.20 -18.67 13.94
CA GLN A 342 -1.01 -19.81 13.43
C GLN A 342 -2.45 -19.35 13.26
N ILE A 343 -3.06 -19.66 12.12
CA ILE A 343 -4.49 -19.30 11.88
C ILE A 343 -5.32 -20.58 11.94
N TYR A 344 -6.39 -20.58 12.71
CA TYR A 344 -7.17 -21.80 12.91
C TYR A 344 -8.63 -21.46 13.18
N GLN A 345 -9.49 -22.46 13.04
CA GLN A 345 -10.83 -22.36 13.57
C GLN A 345 -11.05 -23.29 14.74
N GLU A 346 -10.36 -24.43 14.76
CA GLU A 346 -10.45 -25.40 15.85
C GLU A 346 -9.09 -25.57 16.54
N PRO A 347 -9.11 -26.00 17.80
CA PRO A 347 -7.90 -25.92 18.63
C PRO A 347 -6.89 -27.05 18.41
N PHE A 348 -7.12 -27.94 17.45
CA PHE A 348 -6.08 -28.98 17.25
C PHE A 348 -5.55 -28.95 15.82
N LYS A 349 -6.23 -28.25 14.92
CA LYS A 349 -5.74 -28.13 13.56
C LYS A 349 -5.73 -26.66 13.15
N ASN A 350 -4.65 -26.26 12.48
CA ASN A 350 -4.51 -24.93 11.91
C ASN A 350 -4.98 -24.87 10.45
N LEU A 351 -5.43 -23.67 10.05
CA LEU A 351 -5.74 -23.46 8.62
C LEU A 351 -4.38 -23.24 7.94
N LYS A 352 -3.52 -22.44 8.56
CA LYS A 352 -2.16 -22.26 8.02
C LYS A 352 -1.27 -21.58 9.07
N THR A 353 0.01 -21.45 8.73
CA THR A 353 1.01 -20.84 9.62
C THR A 353 1.90 -19.88 8.83
N GLY A 354 2.75 -19.16 9.56
CA GLY A 354 3.77 -18.34 8.94
C GLY A 354 4.53 -17.52 9.97
N LYS A 355 5.37 -16.62 9.43
CA LYS A 355 6.35 -15.89 10.22
C LYS A 355 6.47 -14.46 9.71
N TYR A 356 6.85 -13.58 10.65
CA TYR A 356 7.14 -12.18 10.29
C TYR A 356 8.50 -11.83 10.89
N ALA A 357 9.36 -11.14 10.14
CA ALA A 357 10.66 -10.68 10.68
C ALA A 357 10.88 -9.23 10.29
N ARG A 358 11.18 -8.36 11.26
CA ARG A 358 11.31 -6.92 10.93
C ARG A 358 12.36 -6.76 9.84
N MET A 359 13.60 -7.18 10.12
CA MET A 359 14.69 -6.99 9.13
C MET A 359 14.51 -5.64 8.45
N ARG A 360 14.02 -4.65 9.20
CA ARG A 360 13.79 -3.30 8.64
C ARG A 360 13.84 -2.28 9.77
N GLY A 361 14.93 -1.51 9.86
CA GLY A 361 15.08 -0.53 10.95
C GLY A 361 15.95 -1.09 12.06
N ALA A 362 17.22 -0.68 12.13
CA ALA A 362 18.16 -1.23 13.14
C ALA A 362 17.49 -1.20 14.51
N HIS A 363 17.11 -0.01 14.98
CA HIS A 363 16.50 0.13 16.33
C HIS A 363 15.01 -0.14 16.24
N THR A 364 14.48 -1.02 17.09
CA THR A 364 13.03 -1.31 17.11
C THR A 364 12.64 -1.82 18.49
N ASN A 365 11.34 -1.95 18.75
CA ASN A 365 10.92 -2.48 20.05
C ASN A 365 9.81 -3.50 19.86
N ASP A 366 9.58 -4.27 20.92
CA ASP A 366 8.73 -5.45 20.87
C ASP A 366 7.30 -5.10 20.47
N VAL A 367 6.77 -4.00 20.98
CA VAL A 367 5.36 -3.68 20.74
C VAL A 367 5.16 -3.22 19.30
N LYS A 368 6.01 -2.29 18.84
CA LYS A 368 5.97 -1.90 17.44
C LYS A 368 6.03 -3.13 16.55
N GLN A 369 6.93 -4.07 16.85
CA GLN A 369 7.04 -5.26 16.02
C GLN A 369 5.74 -6.07 16.03
N LEU A 370 5.16 -6.28 17.22
CA LEU A 370 3.92 -7.04 17.31
C LEU A 370 2.86 -6.42 16.39
N THR A 371 2.73 -5.09 16.43
CA THR A 371 1.78 -4.38 15.56
C THR A 371 2.04 -4.66 14.10
N GLU A 372 3.27 -4.48 13.65
CA GLU A 372 3.55 -4.78 12.25
C GLU A 372 3.11 -6.20 11.93
N ALA A 373 3.32 -7.13 12.86
CA ALA A 373 2.97 -8.53 12.63
C ALA A 373 1.45 -8.70 12.42
N VAL A 374 0.65 -8.10 13.30
CA VAL A 374 -0.80 -8.11 13.20
C VAL A 374 -1.24 -7.52 11.86
N GLN A 375 -0.63 -6.41 11.44
CA GLN A 375 -0.91 -5.89 10.10
C GLN A 375 -0.72 -6.99 9.06
N LYS A 376 0.44 -7.64 9.07
CA LYS A 376 0.72 -8.66 8.04
C LYS A 376 -0.39 -9.70 8.00
N ILE A 377 -0.86 -10.12 9.18
CA ILE A 377 -1.85 -11.17 9.27
C ILE A 377 -3.20 -10.67 8.76
N THR A 378 -3.53 -9.42 9.11
CA THR A 378 -4.75 -8.79 8.64
C THR A 378 -4.79 -8.72 7.12
N THR A 379 -3.69 -8.32 6.48
CA THR A 379 -3.68 -8.30 5.02
C THR A 379 -3.93 -9.69 4.44
N GLU A 380 -3.20 -10.70 4.96
CA GLU A 380 -3.26 -12.04 4.42
C GLU A 380 -4.66 -12.66 4.63
N SER A 381 -5.20 -12.51 5.84
CA SER A 381 -6.56 -12.96 6.12
C SER A 381 -7.55 -12.43 5.06
N ILE A 382 -7.50 -11.13 4.78
CA ILE A 382 -8.43 -10.57 3.80
C ILE A 382 -8.27 -11.24 2.45
N VAL A 383 -7.02 -11.37 2.00
CA VAL A 383 -6.75 -11.99 0.71
C VAL A 383 -7.32 -13.40 0.65
N ILE A 384 -7.23 -14.16 1.73
CA ILE A 384 -7.53 -15.59 1.62
C ILE A 384 -9.01 -15.89 1.92
N TRP A 385 -9.57 -15.25 2.95
CA TRP A 385 -10.92 -15.57 3.39
C TRP A 385 -11.92 -14.42 3.25
N GLY A 386 -11.47 -13.19 2.99
CA GLY A 386 -12.41 -12.11 2.83
C GLY A 386 -12.87 -11.46 4.12
N LYS A 387 -12.18 -11.73 5.23
CA LYS A 387 -12.52 -11.19 6.54
C LYS A 387 -11.26 -11.13 7.38
N THR A 388 -11.35 -10.39 8.53
CA THR A 388 -10.22 -10.34 9.43
C THR A 388 -10.46 -11.25 10.64
N PRO A 389 -9.37 -11.73 11.26
CA PRO A 389 -9.49 -12.68 12.35
C PRO A 389 -9.48 -12.07 13.74
N LYS A 390 -10.08 -12.77 14.70
CA LYS A 390 -9.99 -12.30 16.10
C LYS A 390 -8.54 -12.56 16.50
N PHE A 391 -7.98 -11.75 17.38
CA PHE A 391 -6.53 -11.91 17.65
C PHE A 391 -6.24 -12.36 19.08
N LYS A 392 -5.40 -13.39 19.23
CA LYS A 392 -4.95 -13.82 20.54
C LYS A 392 -3.50 -13.34 20.73
N LEU A 393 -3.29 -12.39 21.64
CA LEU A 393 -1.98 -11.77 21.67
C LEU A 393 -1.33 -11.80 23.04
N PRO A 394 -0.01 -12.09 23.10
CA PRO A 394 0.77 -12.09 24.33
C PRO A 394 1.13 -10.69 24.83
N ILE A 395 0.12 -9.85 24.98
CA ILE A 395 0.36 -8.53 25.53
C ILE A 395 -0.87 -8.09 26.29
N GLN A 396 -0.65 -7.32 27.34
CA GLN A 396 -1.71 -6.87 28.23
C GLN A 396 -2.25 -5.53 27.78
N LYS A 397 -3.57 -5.37 27.86
CA LYS A 397 -4.20 -4.14 27.41
C LYS A 397 -3.43 -2.91 27.89
N GLU A 398 -2.97 -2.91 29.16
CA GLU A 398 -2.31 -1.73 29.72
C GLU A 398 -0.97 -1.46 29.04
N THR A 399 -0.19 -2.50 28.76
CA THR A 399 1.03 -2.34 28.00
C THR A 399 0.72 -1.65 26.66
N TRP A 400 -0.23 -2.20 25.91
CA TRP A 400 -0.50 -1.63 24.56
C TRP A 400 -1.06 -0.21 24.67
N GLU A 401 -2.11 -0.03 25.47
CA GLU A 401 -2.69 1.30 25.58
C GLU A 401 -1.62 2.34 25.89
N THR A 402 -0.66 1.97 26.74
CA THR A 402 0.39 2.93 27.08
C THR A 402 1.24 3.27 25.87
N TRP A 403 1.60 2.26 25.07
CA TRP A 403 2.46 2.52 23.92
C TRP A 403 1.73 3.28 22.81
N TRP A 404 0.46 2.94 22.50
CA TRP A 404 -0.21 3.62 21.38
C TRP A 404 -0.69 5.01 21.74
N THR A 405 -1.06 5.26 22.99
CA THR A 405 -1.37 6.63 23.39
C THR A 405 -0.17 7.56 23.23
N GLU A 406 1.04 7.04 23.42
CA GLU A 406 2.23 7.94 23.42
C GLU A 406 3.02 7.87 22.11
N TYR A 407 2.72 6.90 21.25
CA TYR A 407 3.47 6.72 20.00
C TYR A 407 3.08 7.80 18.98
N TRP A 408 4.08 8.30 18.25
CA TRP A 408 3.87 9.39 17.31
C TRP A 408 3.01 9.01 16.09
N GLN A 409 2.93 7.73 15.73
CA GLN A 409 2.10 7.34 14.60
C GLN A 409 0.70 6.95 15.08
N ALA A 410 -0.25 6.99 14.16
CA ALA A 410 -1.55 6.34 14.39
C ALA A 410 -1.42 4.83 14.19
N THR A 411 -2.06 4.08 15.08
CA THR A 411 -1.99 2.60 15.01
C THR A 411 -3.37 2.06 15.35
N TRP A 412 -3.80 1.02 14.65
CA TRP A 412 -5.14 0.43 14.89
C TRP A 412 -5.01 -1.07 15.15
N ILE A 413 -5.64 -1.56 16.21
CA ILE A 413 -5.64 -3.03 16.42
C ILE A 413 -7.07 -3.50 16.63
N PRO A 414 -7.52 -4.58 15.96
CA PRO A 414 -8.90 -5.01 16.06
C PRO A 414 -9.18 -5.75 17.38
N GLU A 415 -10.33 -6.42 17.44
CA GLU A 415 -10.68 -7.19 18.65
C GLU A 415 -9.48 -8.05 19.03
N TRP A 416 -9.02 -7.94 20.28
CA TRP A 416 -7.91 -8.83 20.70
C TRP A 416 -8.03 -9.20 22.18
N GLU A 417 -7.78 -10.46 22.51
CA GLU A 417 -7.78 -10.91 23.88
C GLU A 417 -6.36 -11.31 24.28
N PHE A 418 -6.07 -11.16 25.56
CA PHE A 418 -4.76 -11.49 26.10
C PHE A 418 -4.61 -12.99 26.27
N VAL A 419 -3.42 -13.50 25.95
CA VAL A 419 -3.06 -14.89 26.19
C VAL A 419 -1.80 -14.89 27.05
N ASN A 420 -1.85 -15.55 28.20
CA ASN A 420 -0.79 -15.43 29.20
C ASN A 420 0.28 -16.51 29.01
N THR A 421 0.80 -16.57 27.79
CA THR A 421 1.78 -17.57 27.40
C THR A 421 3.13 -16.91 27.18
N PRO A 422 4.10 -17.11 28.07
CA PRO A 422 5.42 -16.45 27.91
C PRO A 422 6.12 -16.91 26.64
N PRO A 423 7.04 -16.08 26.08
CA PRO A 423 7.44 -14.73 26.53
C PRO A 423 6.27 -13.77 26.48
N LEU A 424 6.20 -12.81 27.38
CA LEU A 424 5.21 -11.75 27.25
C LEU A 424 5.86 -10.55 26.60
N VAL A 425 5.03 -9.69 26.01
CA VAL A 425 5.49 -8.44 25.40
C VAL A 425 5.30 -7.34 26.43
N LYS A 426 6.40 -6.65 26.77
CA LYS A 426 6.31 -5.61 27.78
C LYS A 426 7.13 -4.40 27.39
N LEU A 427 6.73 -3.26 27.94
CA LEU A 427 7.59 -2.07 27.99
C LEU A 427 8.61 -2.26 29.10
N TRP A 428 9.90 -2.27 28.75
CA TRP A 428 10.93 -2.63 29.71
C TRP A 428 11.43 -1.46 30.56
N TYR A 429 11.16 -0.23 30.14
CA TYR A 429 11.51 0.95 30.91
C TYR A 429 10.70 2.10 30.33
N GLN A 430 10.66 3.20 31.05
CA GLN A 430 10.08 4.41 30.48
C GLN A 430 10.79 5.63 31.02
N LEU A 431 10.97 6.63 30.16
CA LEU A 431 11.60 7.86 30.59
C LEU A 431 10.57 8.74 31.29
N GLU A 432 11.08 9.66 32.11
CA GLU A 432 10.18 10.54 32.83
C GLU A 432 9.72 11.67 31.92
N LYS A 433 8.50 12.16 32.19
CA LYS A 433 7.96 13.27 31.44
C LYS A 433 8.49 14.61 31.97
N GLU A 434 8.88 14.66 33.24
CA GLU A 434 9.41 15.88 33.85
C GLU A 434 10.68 15.56 34.63
N PRO A 435 11.62 16.51 34.71
CA PRO A 435 12.91 16.25 35.37
C PRO A 435 12.74 15.93 36.85
N ILE A 436 13.71 15.16 37.38
CA ILE A 436 13.63 14.60 38.73
C ILE A 436 14.33 15.54 39.70
N VAL A 437 13.76 15.64 40.90
CA VAL A 437 14.31 16.47 41.97
C VAL A 437 15.06 15.58 42.96
N GLY A 438 16.17 16.10 43.48
CA GLY A 438 17.05 15.24 44.25
C GLY A 438 17.85 14.29 43.39
N ALA A 439 17.96 14.57 42.10
CA ALA A 439 18.75 13.77 41.18
C ALA A 439 19.86 14.61 40.56
N GLU A 440 21.05 14.02 40.48
CA GLU A 440 22.17 14.71 39.85
C GLU A 440 21.87 14.96 38.38
N THR A 441 22.36 16.08 37.86
CA THR A 441 22.14 16.44 36.47
C THR A 441 23.47 16.35 35.74
N PHE A 442 23.55 15.44 34.78
CA PHE A 442 24.74 15.29 33.95
C PHE A 442 24.56 16.02 32.64
N TYR A 443 25.55 16.81 32.28
CA TYR A 443 25.61 17.53 31.01
C TYR A 443 26.59 16.75 30.15
N VAL A 444 26.06 15.87 29.33
CA VAL A 444 26.90 14.99 28.52
C VAL A 444 27.13 15.63 27.17
N ASP A 445 28.29 15.34 26.60
CA ASP A 445 28.57 15.65 25.21
C ASP A 445 29.63 14.67 24.72
N GLY A 446 29.84 14.66 23.41
CA GLY A 446 30.80 13.76 22.79
C GLY A 446 31.15 14.27 21.43
N ALA A 447 32.22 13.72 20.86
CA ALA A 447 32.71 14.20 19.59
C ALA A 447 33.85 13.32 19.09
N ALA A 448 33.96 13.23 17.76
CA ALA A 448 35.04 12.51 17.10
C ALA A 448 35.56 13.35 15.94
N ASN A 449 36.69 12.93 15.38
CA ASN A 449 37.24 13.52 14.17
C ASN A 449 37.05 12.52 13.04
N ARG A 450 36.51 12.99 11.91
CA ARG A 450 36.20 12.09 10.80
C ARG A 450 37.47 11.42 10.27
N GLU A 451 38.51 12.22 10.01
CA GLU A 451 39.74 11.69 9.43
C GLU A 451 40.47 10.77 10.42
N THR A 452 40.71 11.23 11.65
CA THR A 452 41.45 10.41 12.62
C THR A 452 40.66 9.19 13.05
N LYS A 453 39.33 9.31 13.15
CA LYS A 453 38.48 8.29 13.75
C LYS A 453 38.83 8.06 15.22
N LEU A 454 39.43 9.06 15.87
CA LEU A 454 39.68 9.04 17.29
C LEU A 454 38.80 10.08 17.95
N GLY A 455 38.20 9.74 19.10
CA GLY A 455 37.22 10.59 19.74
C GLY A 455 37.23 10.61 21.26
N LYS A 456 36.20 11.22 21.84
CA LYS A 456 36.08 11.32 23.30
C LYS A 456 34.64 11.63 23.70
N ALA A 457 34.28 11.16 24.87
CA ALA A 457 32.98 11.43 25.47
C ALA A 457 33.18 11.71 26.95
N GLY A 458 32.43 12.71 27.44
CA GLY A 458 32.46 12.97 28.87
C GLY A 458 31.18 13.52 29.44
N TYR A 459 31.26 14.02 30.67
CA TYR A 459 30.13 14.69 31.28
C TYR A 459 30.65 15.70 32.30
N VAL A 460 29.73 16.54 32.75
CA VAL A 460 29.95 17.45 33.85
C VAL A 460 28.64 17.60 34.63
N THR A 461 28.68 17.39 35.94
CA THR A 461 27.47 17.40 36.74
C THR A 461 27.36 18.66 37.57
N ASN A 462 26.16 18.87 38.12
CA ASN A 462 25.92 20.04 38.99
C ASN A 462 26.75 19.89 40.26
N LYS A 463 26.91 18.66 40.73
CA LYS A 463 27.67 18.41 42.00
C LYS A 463 29.16 18.58 41.75
N GLY A 464 29.55 19.07 40.58
CA GLY A 464 30.97 19.37 40.33
C GLY A 464 31.74 18.18 39.78
N ARG A 465 31.07 17.05 39.55
CA ARG A 465 31.78 15.87 39.09
C ARG A 465 32.03 15.95 37.58
N GLN A 466 33.17 15.39 37.14
CA GLN A 466 33.57 15.50 35.73
C GLN A 466 34.30 14.25 35.31
N LYS A 467 34.06 13.81 34.06
CA LYS A 467 34.82 12.73 33.47
C LYS A 467 35.01 12.98 31.97
N VAL A 468 36.09 12.43 31.44
CA VAL A 468 36.37 12.41 30.01
C VAL A 468 37.05 11.09 29.70
N VAL A 469 36.55 10.37 28.70
CA VAL A 469 37.09 9.06 28.34
C VAL A 469 37.56 9.11 26.88
N PRO A 470 38.73 8.58 26.56
CA PRO A 470 39.19 8.58 25.16
C PRO A 470 38.66 7.38 24.36
N LEU A 471 38.33 7.66 23.09
CA LEU A 471 37.73 6.67 22.19
C LEU A 471 38.50 6.57 20.88
N THR A 472 38.78 5.35 20.45
CA THR A 472 39.38 5.11 19.15
C THR A 472 38.37 4.43 18.23
N ASN A 473 38.42 4.75 16.94
CA ASN A 473 37.60 4.11 15.92
C ASN A 473 36.10 4.39 16.11
N THR A 474 35.75 5.68 16.10
CA THR A 474 34.39 6.10 16.45
C THR A 474 33.92 7.24 15.54
N THR A 475 32.65 7.59 15.73
CA THR A 475 32.03 8.64 14.88
C THR A 475 31.19 9.54 15.79
N ASN A 476 30.97 10.78 15.37
CA ASN A 476 30.24 11.73 16.21
C ASN A 476 28.98 11.08 16.78
N GLN A 477 28.34 10.20 16.02
CA GLN A 477 27.15 9.54 16.54
C GLN A 477 27.51 8.59 17.67
N LYS A 478 28.54 7.77 17.47
CA LYS A 478 28.90 6.79 18.49
C LYS A 478 29.32 7.47 19.80
N THR A 479 30.13 8.54 19.73
CA THR A 479 30.54 9.25 20.95
C THR A 479 29.33 9.85 21.66
N GLU A 480 28.37 10.41 20.89
CA GLU A 480 27.20 11.02 21.50
C GLU A 480 26.41 10.03 22.34
N LEU A 481 26.33 8.77 21.89
CA LEU A 481 25.67 7.73 22.67
C LEU A 481 26.57 7.25 23.79
N GLN A 482 27.88 7.22 23.51
CA GLN A 482 28.87 6.91 24.52
C GLN A 482 28.77 7.86 25.72
N ALA A 483 28.54 9.15 25.47
CA ALA A 483 28.40 10.09 26.57
C ALA A 483 27.26 9.67 27.48
N ILE A 484 26.12 9.37 26.91
CA ILE A 484 24.98 8.98 27.70
C ILE A 484 25.27 7.70 28.48
N TYR A 485 25.96 6.75 27.87
CA TYR A 485 26.24 5.51 28.58
C TYR A 485 27.15 5.79 29.80
N LEU A 486 28.18 6.65 29.62
CA LEU A 486 28.99 7.10 30.75
C LEU A 486 28.15 7.61 31.91
N ALA A 487 27.25 8.58 31.62
CA ALA A 487 26.44 9.19 32.66
C ALA A 487 25.51 8.17 33.33
N LEU A 488 25.01 7.18 32.61
CA LEU A 488 24.20 6.14 33.25
C LEU A 488 25.07 5.26 34.14
N GLN A 489 26.31 4.97 33.72
CA GLN A 489 27.21 4.16 34.52
C GLN A 489 27.57 4.83 35.85
N ASP A 490 27.87 6.14 35.82
CA ASP A 490 28.45 6.86 36.96
C ASP A 490 27.41 7.57 37.81
N SER A 491 26.15 7.12 37.80
CA SER A 491 25.09 7.89 38.45
C SER A 491 24.27 6.98 39.35
N GLY A 492 23.48 7.61 40.22
CA GLY A 492 22.58 6.86 41.07
C GLY A 492 21.43 6.18 40.35
N LEU A 493 20.39 5.79 41.09
CA LEU A 493 19.22 5.16 40.50
C LEU A 493 18.26 6.16 39.88
N GLU A 494 18.58 7.44 40.04
CA GLU A 494 17.75 8.53 39.49
C GLU A 494 18.71 9.55 38.88
N VAL A 495 18.60 9.81 37.58
CA VAL A 495 19.57 10.69 36.94
C VAL A 495 18.88 11.55 35.88
N ASN A 496 19.27 12.82 35.81
CA ASN A 496 18.88 13.73 34.76
C ASN A 496 20.04 13.88 33.79
N ILE A 497 19.82 13.60 32.52
CA ILE A 497 20.85 13.74 31.50
C ILE A 497 20.43 14.88 30.57
N VAL A 498 21.42 15.64 30.09
CA VAL A 498 21.17 16.76 29.19
C VAL A 498 22.16 16.64 28.05
N THR A 499 21.65 16.46 26.83
CA THR A 499 22.48 16.26 25.64
C THR A 499 22.12 17.26 24.55
N ASP A 500 23.08 17.54 23.68
CA ASP A 500 22.91 18.46 22.55
C ASP A 500 22.80 17.73 21.22
N SER A 501 22.42 16.46 21.22
CA SER A 501 22.43 15.63 20.03
C SER A 501 21.05 15.04 19.80
N GLN A 502 20.35 15.55 18.78
CA GLN A 502 19.05 15.00 18.43
C GLN A 502 19.13 13.54 18.04
N TYR A 503 20.19 13.15 17.35
CA TYR A 503 20.41 11.73 17.07
C TYR A 503 20.19 10.87 18.33
N ALA A 504 21.04 11.08 19.34
CA ALA A 504 20.94 10.24 20.54
C ALA A 504 19.58 10.38 21.21
N LEU A 505 19.10 11.62 21.33
CA LEU A 505 17.74 11.84 21.82
C LEU A 505 16.74 11.01 21.03
N GLY A 506 16.92 10.96 19.69
CA GLY A 506 15.99 10.21 18.86
C GLY A 506 15.93 8.73 19.19
N ILE A 507 17.11 8.10 19.33
CA ILE A 507 17.18 6.67 19.62
C ILE A 507 16.55 6.35 20.95
N ILE A 508 16.84 7.16 21.96
CA ILE A 508 16.40 6.81 23.30
C ILE A 508 14.90 7.01 23.41
N GLN A 509 14.40 8.11 22.83
CA GLN A 509 12.97 8.40 22.87
C GLN A 509 12.16 7.35 22.12
N ALA A 510 12.77 6.67 21.15
CA ALA A 510 12.06 5.59 20.46
C ALA A 510 11.82 4.40 21.38
N GLN A 511 12.42 4.39 22.57
CA GLN A 511 12.29 3.30 23.54
C GLN A 511 12.56 1.91 22.95
N PRO A 512 13.68 1.71 22.28
CA PRO A 512 13.98 0.38 21.75
C PRO A 512 14.24 -0.58 22.87
N ASP A 513 14.00 -1.86 22.61
CA ASP A 513 14.42 -2.87 23.55
C ASP A 513 15.47 -3.80 22.95
N LYS A 514 15.80 -3.65 21.68
CA LYS A 514 16.95 -4.36 21.14
C LYS A 514 17.45 -3.60 19.93
N SER A 515 18.66 -3.93 19.51
CA SER A 515 19.31 -3.19 18.44
C SER A 515 20.41 -4.03 17.82
N GLU A 516 20.80 -3.63 16.61
CA GLU A 516 21.94 -4.19 15.88
C GLU A 516 23.27 -3.50 16.24
N SER A 517 23.34 -2.79 17.37
CA SER A 517 24.57 -2.17 17.85
C SER A 517 24.70 -2.44 19.34
N GLU A 518 25.87 -2.95 19.74
CA GLU A 518 26.09 -3.40 21.11
C GLU A 518 25.99 -2.23 22.11
N LEU A 519 26.44 -1.05 21.71
CA LEU A 519 26.36 0.13 22.58
C LEU A 519 24.91 0.37 23.05
N VAL A 520 23.97 0.48 22.11
CA VAL A 520 22.57 0.69 22.46
C VAL A 520 22.05 -0.44 23.36
N ASN A 521 22.59 -1.65 23.24
CA ASN A 521 22.15 -2.73 24.13
C ASN A 521 22.62 -2.50 25.56
N GLN A 522 23.83 -1.96 25.74
CA GLN A 522 24.29 -1.66 27.09
C GLN A 522 23.57 -0.46 27.67
N ILE A 523 23.19 0.50 26.83
CA ILE A 523 22.33 1.59 27.29
C ILE A 523 20.98 1.06 27.75
N ILE A 524 20.42 0.10 27.00
CA ILE A 524 19.13 -0.46 27.39
C ILE A 524 19.25 -1.16 28.73
N GLU A 525 20.35 -1.88 28.96
CA GLU A 525 20.55 -2.58 30.22
C GLU A 525 20.57 -1.61 31.38
N GLN A 526 21.30 -0.49 31.24
CA GLN A 526 21.32 0.55 32.26
C GLN A 526 19.93 1.16 32.46
N LEU A 527 19.22 1.44 31.37
CA LEU A 527 17.89 2.07 31.49
C LEU A 527 16.93 1.20 32.28
N ILE A 528 17.01 -0.12 32.11
CA ILE A 528 16.21 -1.02 32.94
C ILE A 528 16.66 -1.00 34.40
N LYS A 529 18.00 -0.96 34.64
CA LYS A 529 18.53 -0.93 36.00
C LYS A 529 18.09 0.32 36.76
N LYS A 530 18.16 1.50 36.12
CA LYS A 530 17.79 2.75 36.79
C LYS A 530 16.32 2.76 37.20
N GLU A 531 16.00 3.62 38.16
CA GLU A 531 14.63 3.78 38.64
C GLU A 531 13.92 5.02 38.09
N LYS A 532 14.66 6.03 37.63
CA LYS A 532 14.05 7.21 37.02
C LYS A 532 15.10 7.91 36.17
N VAL A 533 14.83 8.04 34.88
CA VAL A 533 15.74 8.70 33.95
C VAL A 533 14.93 9.74 33.18
N TYR A 534 15.37 10.99 33.24
CA TYR A 534 14.80 12.06 32.44
C TYR A 534 15.89 12.50 31.48
N LEU A 535 15.66 12.29 30.19
CA LEU A 535 16.56 12.79 29.16
C LEU A 535 16.03 14.13 28.67
N ALA A 536 16.93 14.97 28.19
CA ALA A 536 16.50 16.32 27.87
C ALA A 536 17.52 16.93 26.92
N TRP A 537 17.04 17.89 26.16
CA TRP A 537 17.71 18.27 24.94
C TRP A 537 17.85 19.79 24.91
N VAL A 538 19.01 20.25 24.48
CA VAL A 538 19.23 21.67 24.20
C VAL A 538 20.05 21.81 22.93
N PRO A 539 19.88 22.94 22.20
CA PRO A 539 20.68 23.21 21.02
C PRO A 539 22.16 23.27 21.40
N ALA A 540 23.02 22.83 20.49
CA ALA A 540 24.47 22.90 20.74
C ALA A 540 24.98 24.31 20.46
N HIS A 541 26.25 24.58 20.75
CA HIS A 541 26.86 25.91 20.45
C HIS A 541 25.84 27.03 20.65
N LYS A 542 25.14 27.03 21.77
CA LYS A 542 24.19 28.13 22.07
C LYS A 542 24.47 28.65 23.49
N GLY A 543 25.59 28.24 24.08
CA GLY A 543 25.96 28.71 25.44
C GLY A 543 24.80 28.60 26.41
N ILE A 544 23.98 27.55 26.27
CA ILE A 544 22.82 27.36 27.18
C ILE A 544 23.32 27.35 28.62
N GLY A 545 24.54 26.85 28.84
CA GLY A 545 25.03 26.73 30.20
C GLY A 545 24.86 25.31 30.71
N GLY A 546 25.86 24.83 31.45
CA GLY A 546 25.98 23.41 31.69
C GLY A 546 26.54 22.71 30.46
N ASN A 547 25.84 22.85 29.32
CA ASN A 547 26.25 22.21 28.06
C ASN A 547 27.44 22.93 27.43
N GLU A 548 27.43 24.27 27.46
CA GLU A 548 28.56 25.04 26.94
C GLU A 548 29.85 24.64 27.65
N GLN A 549 29.74 24.14 28.88
CA GLN A 549 30.91 23.72 29.66
C GLN A 549 31.39 22.30 29.31
N VAL A 550 30.50 21.42 28.85
CA VAL A 550 30.87 20.03 28.51
C VAL A 550 31.39 19.91 27.08
N ASP A 551 30.80 20.65 26.13
CA ASP A 551 31.30 20.64 24.76
C ASP A 551 32.75 21.08 24.69
N LYS A 552 33.14 22.03 25.55
CA LYS A 552 34.52 22.48 25.62
C LYS A 552 35.47 21.34 26.03
N LEU A 553 35.11 20.60 27.09
CA LEU A 553 35.91 19.45 27.54
C LEU A 553 36.11 18.41 26.43
N VAL A 554 35.23 18.38 25.44
CA VAL A 554 35.27 17.29 24.47
C VAL A 554 35.50 17.86 23.08
N ILE B 5 -27.15 12.51 -27.20
CA ILE B 5 -26.39 13.74 -27.40
C ILE B 5 -24.94 13.45 -27.83
N GLU B 6 -24.28 14.44 -28.39
CA GLU B 6 -22.93 14.28 -28.92
C GLU B 6 -21.89 14.28 -27.80
N THR B 7 -20.81 13.52 -28.00
CA THR B 7 -19.80 13.35 -26.96
C THR B 7 -18.58 14.24 -27.22
N VAL B 8 -18.12 14.90 -26.17
CA VAL B 8 -16.87 15.66 -26.27
C VAL B 8 -15.72 14.69 -26.51
N PRO B 9 -14.89 14.90 -27.53
CA PRO B 9 -13.67 14.11 -27.62
C PRO B 9 -12.72 14.42 -26.48
N VAL B 10 -12.07 13.37 -25.97
CA VAL B 10 -11.10 13.46 -24.88
C VAL B 10 -9.83 12.82 -25.38
N LYS B 11 -8.72 13.57 -25.32
CA LYS B 11 -7.42 13.02 -25.68
C LYS B 11 -6.51 13.05 -24.47
N LEU B 12 -5.65 12.04 -24.40
CA LEU B 12 -4.66 11.94 -23.34
C LEU B 12 -3.46 12.82 -23.63
N LYS B 13 -2.75 13.18 -22.56
CA LYS B 13 -1.50 13.90 -22.73
C LYS B 13 -0.57 13.14 -23.68
N PRO B 14 0.02 13.80 -24.67
CA PRO B 14 0.74 13.07 -25.71
C PRO B 14 1.83 12.19 -25.10
N GLY B 15 1.94 10.97 -25.62
CA GLY B 15 2.91 10.02 -25.11
C GLY B 15 2.54 9.39 -23.79
N MET B 16 1.31 9.54 -23.34
CA MET B 16 0.87 8.98 -22.07
C MET B 16 -0.08 7.84 -22.34
N ASP B 17 0.15 6.70 -21.68
CA ASP B 17 -0.76 5.57 -21.83
C ASP B 17 -1.64 5.42 -20.60
N GLY B 18 -2.75 4.68 -20.77
CA GLY B 18 -3.82 4.57 -19.79
C GLY B 18 -3.38 4.01 -18.46
N PRO B 19 -4.21 4.21 -17.42
CA PRO B 19 -3.87 3.72 -16.07
C PRO B 19 -3.80 2.19 -15.94
N LYS B 20 -2.88 1.75 -15.11
CA LYS B 20 -2.63 0.34 -14.85
C LYS B 20 -2.35 0.12 -13.37
N VAL B 21 -3.24 0.61 -12.50
CA VAL B 21 -3.08 0.50 -11.05
C VAL B 21 -3.70 -0.81 -10.57
N LYS B 22 -3.12 -1.41 -9.52
CA LYS B 22 -3.62 -2.68 -9.02
C LYS B 22 -4.78 -2.45 -8.05
N GLN B 23 -5.70 -3.42 -8.04
CA GLN B 23 -6.90 -3.39 -7.21
C GLN B 23 -6.57 -4.00 -5.85
N TRP B 24 -6.77 -3.25 -4.77
CA TRP B 24 -6.53 -3.82 -3.45
C TRP B 24 -7.53 -4.93 -3.15
N PRO B 25 -7.16 -5.91 -2.34
CA PRO B 25 -8.11 -6.95 -1.98
C PRO B 25 -9.09 -6.40 -0.93
N LEU B 26 -10.31 -6.93 -0.96
CA LEU B 26 -11.45 -6.35 -0.25
C LEU B 26 -12.13 -7.38 0.61
N THR B 27 -12.70 -6.93 1.72
CA THR B 27 -13.60 -7.77 2.50
C THR B 27 -14.64 -8.40 1.58
N GLU B 28 -15.15 -9.57 1.97
CA GLU B 28 -16.23 -10.18 1.20
C GLU B 28 -17.46 -9.29 1.17
N GLU B 29 -17.81 -8.74 2.33
CA GLU B 29 -18.97 -7.82 2.40
C GLU B 29 -18.81 -6.73 1.35
N LYS B 30 -17.66 -6.05 1.36
CA LYS B 30 -17.46 -4.98 0.39
C LYS B 30 -17.56 -5.50 -1.03
N ILE B 31 -17.03 -6.69 -1.33
CA ILE B 31 -17.11 -7.20 -2.69
C ILE B 31 -18.56 -7.38 -3.10
N LYS B 32 -19.35 -8.00 -2.22
CA LYS B 32 -20.76 -8.26 -2.52
C LYS B 32 -21.48 -6.95 -2.79
N ALA B 33 -21.25 -5.96 -1.92
CA ALA B 33 -21.87 -4.66 -2.15
C ALA B 33 -21.52 -4.13 -3.53
N LEU B 34 -20.26 -4.26 -3.96
CA LEU B 34 -19.87 -3.74 -5.26
C LEU B 34 -20.55 -4.50 -6.37
N VAL B 35 -20.56 -5.83 -6.29
CA VAL B 35 -21.27 -6.61 -7.30
C VAL B 35 -22.73 -6.17 -7.38
N GLU B 36 -23.36 -5.89 -6.24
CA GLU B 36 -24.74 -5.46 -6.27
C GLU B 36 -24.87 -4.15 -7.03
N ILE B 37 -24.09 -3.16 -6.60
CA ILE B 37 -24.10 -1.84 -7.23
C ILE B 37 -23.85 -1.95 -8.72
N CYS B 38 -22.88 -2.78 -9.11
CA CYS B 38 -22.48 -2.79 -10.50
C CYS B 38 -23.48 -3.56 -11.34
N THR B 39 -24.18 -4.53 -10.74
CA THR B 39 -25.20 -5.22 -11.53
C THR B 39 -26.36 -4.30 -11.84
N GLU B 40 -26.66 -3.34 -10.96
CA GLU B 40 -27.69 -2.34 -11.27
C GLU B 40 -27.19 -1.30 -12.26
N MET B 41 -25.92 -0.90 -12.17
CA MET B 41 -25.37 0.08 -13.12
C MET B 41 -25.28 -0.50 -14.52
N GLU B 42 -24.85 -1.74 -14.65
CA GLU B 42 -24.85 -2.36 -15.96
C GLU B 42 -26.25 -2.36 -16.56
N LYS B 43 -27.27 -2.56 -15.71
CA LYS B 43 -28.66 -2.62 -16.17
C LYS B 43 -29.16 -1.28 -16.70
N GLU B 44 -28.64 -0.17 -16.19
CA GLU B 44 -29.05 1.15 -16.61
C GLU B 44 -28.13 1.74 -17.68
N GLY B 45 -27.23 0.93 -18.25
CA GLY B 45 -26.33 1.42 -19.29
C GLY B 45 -25.10 2.16 -18.82
N LYS B 46 -24.98 2.49 -17.52
CA LYS B 46 -23.90 3.40 -17.14
C LYS B 46 -22.52 2.74 -17.33
N ILE B 47 -22.44 1.41 -17.21
CA ILE B 47 -21.20 0.67 -17.40
C ILE B 47 -21.47 -0.64 -18.14
N SER B 48 -20.41 -1.18 -18.75
CA SER B 48 -20.48 -2.45 -19.47
C SER B 48 -19.27 -3.34 -19.18
N LYS B 49 -19.45 -4.63 -19.42
CA LYS B 49 -18.41 -5.64 -19.23
C LYS B 49 -17.47 -5.68 -20.44
N ILE B 50 -16.18 -5.96 -20.17
CA ILE B 50 -15.08 -5.81 -21.14
C ILE B 50 -14.24 -7.09 -21.23
N GLY B 51 -13.42 -7.17 -22.28
CA GLY B 51 -12.67 -8.38 -22.62
C GLY B 51 -11.21 -8.28 -22.28
N PRO B 52 -10.43 -9.33 -22.55
CA PRO B 52 -9.01 -9.30 -22.16
C PRO B 52 -8.17 -8.32 -22.97
N GLU B 53 -8.65 -7.86 -24.11
CA GLU B 53 -7.88 -6.90 -24.89
C GLU B 53 -7.95 -5.49 -24.30
N ASN B 54 -8.58 -5.31 -23.16
CA ASN B 54 -8.54 -4.03 -22.45
C ASN B 54 -7.62 -4.17 -21.25
N PRO B 55 -6.46 -3.51 -21.25
CA PRO B 55 -5.42 -3.81 -20.25
C PRO B 55 -5.38 -2.86 -19.09
N TYR B 56 -6.18 -1.79 -19.12
CA TYR B 56 -6.08 -0.72 -18.13
C TYR B 56 -6.81 -1.13 -16.85
N ASN B 57 -6.60 -0.37 -15.77
CA ASN B 57 -7.38 -0.65 -14.57
C ASN B 57 -7.22 0.51 -13.61
N THR B 58 -8.20 0.66 -12.74
CA THR B 58 -8.33 1.78 -11.85
C THR B 58 -8.99 1.16 -10.63
N PRO B 59 -8.49 1.37 -9.42
CA PRO B 59 -9.04 0.66 -8.25
C PRO B 59 -10.46 1.10 -7.95
N VAL B 60 -11.25 0.21 -7.29
CA VAL B 60 -12.57 0.58 -6.81
C VAL B 60 -12.73 0.16 -5.35
N PHE B 61 -13.56 0.92 -4.63
CA PHE B 61 -13.77 0.75 -3.20
C PHE B 61 -15.26 0.76 -2.90
N ALA B 62 -15.60 0.45 -1.66
CA ALA B 62 -16.94 0.56 -1.14
C ALA B 62 -16.88 1.35 0.17
N ILE B 63 -17.71 2.38 0.25
CA ILE B 63 -17.76 3.23 1.48
C ILE B 63 -19.23 3.45 1.80
N LYS B 64 -19.52 4.26 2.82
CA LYS B 64 -20.93 4.55 3.23
C LYS B 64 -21.04 6.03 3.59
N SER B 68 -24.32 6.56 6.25
CA SER B 68 -25.61 6.03 5.84
C SER B 68 -25.61 4.52 5.99
N THR B 69 -26.78 3.89 5.84
CA THR B 69 -26.92 2.43 5.82
C THR B 69 -26.85 1.85 4.42
N LYS B 70 -26.55 2.69 3.42
CA LYS B 70 -26.40 2.28 2.03
C LYS B 70 -24.91 2.28 1.66
N TRP B 71 -24.47 1.19 1.01
CA TRP B 71 -23.14 1.15 0.40
C TRP B 71 -23.12 1.99 -0.88
N ARG B 72 -22.05 2.80 -1.00
CA ARG B 72 -21.83 3.60 -2.20
C ARG B 72 -20.49 3.19 -2.78
N LYS B 73 -20.34 3.27 -4.10
CA LYS B 73 -19.11 2.90 -4.78
C LYS B 73 -18.23 4.12 -5.04
N LEU B 74 -16.92 3.96 -4.84
CA LEU B 74 -15.95 5.05 -4.90
C LEU B 74 -14.81 4.60 -5.78
N VAL B 75 -14.61 5.27 -6.91
CA VAL B 75 -13.51 4.94 -7.84
C VAL B 75 -12.35 5.89 -7.57
N ASP B 76 -11.16 5.32 -7.33
CA ASP B 76 -9.91 6.07 -7.20
C ASP B 76 -9.35 6.37 -8.59
N PHE B 77 -9.77 7.50 -9.16
CA PHE B 77 -9.29 8.00 -10.46
C PHE B 77 -8.02 8.86 -10.38
N ARG B 78 -7.24 8.76 -9.29
CA ARG B 78 -6.08 9.64 -9.15
C ARG B 78 -5.12 9.49 -10.31
N GLU B 79 -4.82 8.26 -10.70
CA GLU B 79 -3.87 8.05 -11.79
C GLU B 79 -4.41 8.57 -13.12
N LEU B 80 -5.68 8.24 -13.46
CA LEU B 80 -6.26 8.73 -14.71
C LEU B 80 -6.36 10.26 -14.71
N ASN B 81 -6.57 10.87 -13.55
CA ASN B 81 -6.63 12.32 -13.53
C ASN B 81 -5.31 12.94 -13.97
N LYS B 82 -4.17 12.43 -13.46
CA LYS B 82 -2.88 13.00 -13.86
C LYS B 82 -2.66 12.86 -15.35
N ARG B 83 -3.22 11.83 -15.97
CA ARG B 83 -2.91 11.59 -17.36
C ARG B 83 -3.91 12.24 -18.31
N THR B 84 -4.89 12.97 -17.81
CA THR B 84 -5.78 13.76 -18.63
C THR B 84 -5.83 15.21 -18.16
N GLN B 85 -4.74 15.65 -17.52
CA GLN B 85 -4.71 16.97 -16.92
C GLN B 85 -4.78 18.07 -17.97
N ASP B 86 -4.10 17.88 -19.09
CA ASP B 86 -4.23 18.90 -20.17
C ASP B 86 -5.72 19.08 -20.45
N PHE B 87 -6.49 17.99 -20.40
CA PHE B 87 -7.90 18.09 -20.74
C PHE B 87 -8.66 18.95 -19.74
N TRP B 88 -8.72 18.52 -18.48
CA TRP B 88 -9.58 19.17 -17.50
C TRP B 88 -8.97 20.39 -16.81
N GLU B 89 -7.69 20.73 -17.08
CA GLU B 89 -7.10 21.90 -16.44
C GLU B 89 -6.78 23.05 -17.38
N VAL B 90 -6.42 22.79 -18.62
CA VAL B 90 -6.11 23.83 -19.59
C VAL B 90 -7.21 23.94 -20.66
N GLN B 91 -7.61 22.80 -21.25
CA GLN B 91 -8.60 22.88 -22.33
C GLN B 91 -9.97 23.29 -21.80
N LEU B 92 -10.41 22.64 -20.72
CA LEU B 92 -11.75 22.94 -20.14
C LEU B 92 -11.61 23.21 -18.63
N GLY B 93 -10.51 23.85 -18.22
CA GLY B 93 -10.29 24.16 -16.79
C GLY B 93 -11.40 25.01 -16.22
N ILE B 94 -11.89 24.66 -15.02
CA ILE B 94 -12.95 25.47 -14.34
C ILE B 94 -12.25 26.50 -13.42
N PRO B 95 -12.45 27.81 -13.62
CA PRO B 95 -11.72 28.83 -12.84
C PRO B 95 -12.14 28.89 -11.38
N HIS B 96 -11.13 29.22 -10.49
CA HIS B 96 -11.38 29.19 -9.06
C HIS B 96 -11.56 30.60 -8.50
N PRO B 97 -12.68 30.88 -7.81
CA PRO B 97 -12.96 32.25 -7.38
C PRO B 97 -12.30 32.58 -6.06
N ALA B 98 -11.37 33.55 -6.03
CA ALA B 98 -10.73 33.84 -4.74
C ALA B 98 -11.67 34.58 -3.73
N GLY B 99 -12.97 34.74 -4.01
CA GLY B 99 -13.87 35.35 -3.06
C GLY B 99 -14.63 34.38 -2.18
N LEU B 100 -14.47 33.07 -2.40
CA LEU B 100 -15.20 32.07 -1.65
C LEU B 100 -14.67 31.85 -0.24
N LYS B 101 -13.36 32.08 -0.02
CA LYS B 101 -12.80 31.89 1.31
C LYS B 101 -13.28 32.94 2.30
N LYS B 102 -13.89 34.02 1.85
CA LYS B 102 -14.25 35.13 2.71
C LYS B 102 -15.64 35.05 3.30
N LYS B 103 -16.57 34.38 2.61
CA LYS B 103 -17.94 34.24 3.11
C LYS B 103 -17.93 33.65 4.52
N LYS B 104 -18.86 34.10 5.34
CA LYS B 104 -18.96 33.58 6.69
C LYS B 104 -19.62 32.22 6.73
N SER B 105 -20.18 31.73 5.63
CA SER B 105 -20.78 30.41 5.61
C SER B 105 -20.68 29.79 4.23
N VAL B 106 -20.21 28.54 4.17
CA VAL B 106 -20.08 27.79 2.93
C VAL B 106 -20.73 26.42 3.13
N THR B 107 -21.68 26.08 2.26
CA THR B 107 -22.33 24.78 2.29
C THR B 107 -21.89 23.99 1.06
N VAL B 108 -21.73 22.68 1.25
CA VAL B 108 -21.21 21.79 0.22
C VAL B 108 -22.31 20.82 -0.21
N LEU B 109 -22.74 20.95 -1.45
CA LEU B 109 -23.83 20.16 -2.00
C LEU B 109 -23.25 19.16 -2.99
N ASP B 110 -23.70 17.90 -2.90
CA ASP B 110 -23.18 16.87 -3.79
C ASP B 110 -24.05 16.83 -5.04
N VAL B 111 -23.46 17.14 -6.18
CA VAL B 111 -24.20 17.23 -7.44
C VAL B 111 -23.65 16.20 -8.42
N GLY B 112 -23.09 15.10 -7.91
CA GLY B 112 -22.39 14.15 -8.77
C GLY B 112 -23.29 13.31 -9.63
N ASP B 113 -24.55 13.16 -9.24
CA ASP B 113 -25.48 12.35 -10.03
C ASP B 113 -25.86 12.98 -11.38
N ALA B 114 -25.49 14.25 -11.63
CA ALA B 114 -25.72 14.85 -12.93
C ALA B 114 -24.89 14.17 -14.03
N TYR B 115 -23.64 13.81 -13.74
CA TYR B 115 -22.77 13.28 -14.79
C TYR B 115 -23.36 12.06 -15.47
N PHE B 116 -24.24 11.33 -14.76
CA PHE B 116 -24.58 9.97 -15.15
C PHE B 116 -25.49 9.90 -16.35
N SER B 117 -26.10 11.01 -16.73
CA SER B 117 -26.91 11.04 -17.92
C SER B 117 -26.07 11.23 -19.18
N VAL B 118 -24.95 11.95 -19.09
CA VAL B 118 -24.18 12.36 -20.28
C VAL B 118 -23.31 11.21 -20.75
N PRO B 119 -23.39 10.81 -22.02
CA PRO B 119 -22.48 9.77 -22.51
C PRO B 119 -21.02 10.21 -22.52
N LEU B 120 -20.13 9.21 -22.55
CA LEU B 120 -18.70 9.44 -22.59
C LEU B 120 -18.16 9.08 -23.96
N ASP B 121 -17.24 9.90 -24.45
CA ASP B 121 -16.55 9.64 -25.70
C ASP B 121 -16.20 8.16 -25.84
N GLU B 122 -16.62 7.58 -26.97
CA GLU B 122 -16.43 6.16 -27.22
C GLU B 122 -14.96 5.77 -27.18
N ASP B 123 -14.11 6.55 -27.86
CA ASP B 123 -12.71 6.15 -27.92
C ASP B 123 -12.04 6.18 -26.57
N PHE B 124 -12.64 6.85 -25.58
CA PHE B 124 -12.02 7.04 -24.27
C PHE B 124 -12.47 6.00 -23.23
N ARG B 125 -13.58 5.29 -23.47
CA ARG B 125 -14.14 4.46 -22.43
C ARG B 125 -13.14 3.43 -21.93
N LYS B 126 -12.29 2.90 -22.82
CA LYS B 126 -11.38 1.84 -22.42
C LYS B 126 -10.53 2.28 -21.24
N TYR B 127 -10.27 3.58 -21.09
CA TYR B 127 -9.37 4.01 -20.04
C TYR B 127 -10.03 4.07 -18.67
N THR B 128 -11.31 3.75 -18.57
CA THR B 128 -12.00 3.77 -17.28
C THR B 128 -12.25 2.38 -16.72
N ALA B 129 -11.65 1.34 -17.28
CA ALA B 129 -11.76 -0.02 -16.76
C ALA B 129 -11.50 -0.09 -15.25
N PHE B 130 -12.27 -0.97 -14.59
CA PHE B 130 -12.00 -1.36 -13.20
C PHE B 130 -12.45 -2.82 -13.00
N THR B 131 -11.98 -3.41 -11.89
CA THR B 131 -12.15 -4.83 -11.55
C THR B 131 -12.78 -4.97 -10.16
N ILE B 132 -13.81 -5.78 -10.05
CA ILE B 132 -14.30 -6.24 -8.74
C ILE B 132 -13.48 -7.47 -8.37
N PRO B 133 -12.65 -7.42 -7.33
CA PRO B 133 -11.71 -8.50 -7.08
C PRO B 133 -12.42 -9.72 -6.50
N SER B 134 -11.85 -10.89 -6.70
CA SER B 134 -12.43 -12.06 -6.03
C SER B 134 -11.60 -12.43 -4.82
N ILE B 135 -12.22 -13.18 -3.91
CA ILE B 135 -11.55 -13.68 -2.72
C ILE B 135 -10.63 -14.83 -3.07
N ASN B 136 -9.47 -14.89 -2.42
CA ASN B 136 -8.52 -15.99 -2.61
C ASN B 136 -8.14 -16.19 -4.08
N ASN B 137 -8.21 -15.15 -4.90
CA ASN B 137 -7.84 -15.26 -6.31
C ASN B 137 -8.59 -16.40 -7.01
N GLU B 138 -9.79 -16.73 -6.54
CA GLU B 138 -10.49 -17.91 -7.10
C GLU B 138 -10.95 -17.63 -8.54
N THR B 139 -11.31 -16.38 -8.84
CA THR B 139 -11.81 -16.01 -10.16
C THR B 139 -11.01 -14.82 -10.65
N PRO B 140 -11.09 -14.52 -11.95
CA PRO B 140 -10.23 -13.46 -12.53
C PRO B 140 -10.63 -12.06 -12.09
N GLY B 141 -11.84 -11.88 -11.58
CA GLY B 141 -12.37 -10.58 -11.25
C GLY B 141 -13.38 -10.14 -12.29
N ILE B 142 -14.30 -9.29 -11.89
CA ILE B 142 -15.35 -8.81 -12.79
C ILE B 142 -14.94 -7.45 -13.35
N ARG B 143 -14.98 -7.32 -14.69
CA ARG B 143 -14.29 -6.22 -15.38
C ARG B 143 -15.29 -5.40 -16.17
N TYR B 144 -15.40 -4.10 -15.80
CA TYR B 144 -16.29 -3.18 -16.48
C TYR B 144 -15.51 -1.95 -16.96
N GLN B 145 -16.13 -1.19 -17.85
CA GLN B 145 -15.76 0.19 -18.15
C GLN B 145 -17.03 1.04 -18.13
N TYR B 146 -16.83 2.36 -18.10
CA TYR B 146 -17.92 3.32 -18.07
C TYR B 146 -18.39 3.66 -19.48
N ASN B 147 -19.72 3.81 -19.64
CA ASN B 147 -20.30 4.37 -20.87
C ASN B 147 -20.82 5.80 -20.69
N VAL B 148 -20.79 6.32 -19.45
CA VAL B 148 -21.19 7.69 -19.14
C VAL B 148 -20.06 8.33 -18.34
N LEU B 149 -20.12 9.66 -18.17
CA LEU B 149 -19.10 10.33 -17.39
C LEU B 149 -19.06 9.78 -15.97
N PRO B 150 -17.90 9.38 -15.45
CA PRO B 150 -17.81 8.86 -14.08
C PRO B 150 -17.57 9.91 -13.01
N GLN B 151 -18.15 9.65 -11.84
CA GLN B 151 -17.75 10.41 -10.65
C GLN B 151 -16.29 10.12 -10.28
N GLY B 152 -15.60 11.13 -9.79
CA GLY B 152 -14.24 10.92 -9.44
C GLY B 152 -13.28 11.39 -10.51
N TRP B 153 -13.66 11.18 -11.77
CA TRP B 153 -12.89 11.72 -12.89
C TRP B 153 -13.04 13.24 -12.97
N LYS B 154 -11.92 13.92 -13.21
CA LYS B 154 -11.92 15.38 -13.26
C LYS B 154 -12.44 15.93 -14.59
N GLY B 155 -12.42 15.12 -15.65
CA GLY B 155 -13.04 15.51 -16.91
C GLY B 155 -14.55 15.53 -16.88
N SER B 156 -15.19 14.80 -15.96
CA SER B 156 -16.65 14.82 -15.92
C SER B 156 -17.16 16.23 -15.69
N PRO B 157 -16.76 16.94 -14.64
CA PRO B 157 -17.33 18.27 -14.41
C PRO B 157 -16.83 19.30 -15.40
N ALA B 158 -15.59 19.15 -15.88
CA ALA B 158 -15.11 19.98 -16.98
C ALA B 158 -16.03 19.87 -18.18
N ILE B 159 -16.43 18.64 -18.52
CA ILE B 159 -17.31 18.42 -19.67
C ILE B 159 -18.70 18.92 -19.38
N PHE B 160 -19.17 18.72 -18.16
CA PHE B 160 -20.52 19.07 -17.79
C PHE B 160 -20.67 20.54 -17.45
N GLN B 161 -19.55 21.24 -17.30
CA GLN B 161 -19.62 22.64 -16.80
C GLN B 161 -20.64 23.45 -17.61
N SER B 162 -20.54 23.45 -18.93
CA SER B 162 -21.47 24.31 -19.65
C SER B 162 -22.92 24.04 -19.22
N SER B 163 -23.31 22.77 -19.11
CA SER B 163 -24.69 22.47 -18.69
C SER B 163 -24.97 23.04 -17.32
N MET B 164 -23.95 23.02 -16.45
CA MET B 164 -24.08 23.55 -15.11
C MET B 164 -24.25 25.06 -15.13
N THR B 165 -23.48 25.75 -15.98
CA THR B 165 -23.57 27.20 -16.03
C THR B 165 -24.97 27.66 -16.42
N LYS B 166 -25.61 26.98 -17.40
CA LYS B 166 -27.01 27.28 -17.77
C LYS B 166 -27.98 27.03 -16.61
N ILE B 167 -27.94 25.85 -15.99
CA ILE B 167 -28.90 25.59 -14.92
C ILE B 167 -28.76 26.60 -13.79
N LEU B 168 -27.53 27.02 -13.49
CA LEU B 168 -27.29 27.86 -12.32
C LEU B 168 -27.54 29.34 -12.57
N GLU B 169 -27.56 29.75 -13.84
CA GLU B 169 -27.66 31.20 -14.18
C GLU B 169 -28.90 31.82 -13.53
N PRO B 170 -30.14 31.33 -13.76
CA PRO B 170 -31.30 31.93 -13.07
C PRO B 170 -31.07 32.17 -11.59
N PHE B 171 -30.63 31.16 -10.85
CA PHE B 171 -30.42 31.34 -9.42
C PHE B 171 -29.37 32.43 -9.17
N LYS B 172 -28.35 32.50 -10.01
CA LYS B 172 -27.30 33.49 -9.80
C LYS B 172 -27.80 34.92 -10.00
N LYS B 173 -28.77 35.13 -10.90
CA LYS B 173 -29.33 36.47 -11.07
C LYS B 173 -30.09 36.92 -9.82
N GLN B 174 -30.96 36.07 -9.30
CA GLN B 174 -31.70 36.45 -8.09
C GLN B 174 -30.80 36.64 -6.87
N ASN B 175 -29.61 36.02 -6.84
CA ASN B 175 -28.71 36.13 -5.69
C ASN B 175 -27.33 36.46 -6.20
N PRO B 176 -27.13 37.69 -6.68
CA PRO B 176 -25.84 38.08 -7.24
C PRO B 176 -24.70 38.08 -6.22
N ASP B 177 -25.01 37.77 -4.94
CA ASP B 177 -24.02 37.80 -3.87
C ASP B 177 -23.52 36.41 -3.47
N ILE B 178 -24.32 35.38 -3.69
CA ILE B 178 -23.95 34.02 -3.33
C ILE B 178 -22.88 33.52 -4.28
N VAL B 179 -21.78 32.98 -3.73
CA VAL B 179 -20.69 32.43 -4.54
C VAL B 179 -20.91 30.94 -4.68
N ILE B 180 -20.75 30.42 -5.90
CA ILE B 180 -20.95 29.01 -6.21
C ILE B 180 -19.78 28.51 -7.03
N TYR B 181 -19.12 27.45 -6.55
CA TYR B 181 -17.93 26.91 -7.18
C TYR B 181 -18.05 25.39 -7.25
N GLN B 182 -17.50 24.83 -8.32
CA GLN B 182 -17.65 23.40 -8.61
C GLN B 182 -16.27 22.75 -8.58
N TYR B 183 -16.11 21.76 -7.70
CA TYR B 183 -14.89 20.95 -7.67
C TYR B 183 -15.30 19.49 -7.72
N MET B 184 -14.89 18.79 -8.77
CA MET B 184 -15.30 17.38 -8.93
C MET B 184 -16.82 17.28 -8.89
N ASP B 185 -17.39 16.56 -7.92
CA ASP B 185 -18.84 16.32 -7.88
C ASP B 185 -19.55 17.13 -6.79
N ASP B 186 -18.96 18.24 -6.36
CA ASP B 186 -19.58 19.05 -5.34
C ASP B 186 -19.67 20.52 -5.73
N LEU B 187 -20.71 21.17 -5.21
CA LEU B 187 -20.90 22.61 -5.31
C LEU B 187 -20.61 23.24 -3.95
N TYR B 188 -19.81 24.30 -3.94
CA TYR B 188 -19.54 25.03 -2.72
C TYR B 188 -20.25 26.37 -2.80
N VAL B 189 -21.14 26.63 -1.84
CA VAL B 189 -22.00 27.79 -1.88
C VAL B 189 -21.71 28.63 -0.63
N GLY B 190 -21.15 29.81 -0.84
CA GLY B 190 -20.93 30.71 0.28
C GLY B 190 -21.70 32.03 0.22
N SER B 191 -22.49 32.28 1.26
CA SER B 191 -23.17 33.56 1.49
C SER B 191 -22.59 34.27 2.72
N ASP B 192 -23.19 35.41 3.04
CA ASP B 192 -22.95 36.10 4.31
C ASP B 192 -24.19 36.16 5.18
N LEU B 193 -25.30 35.59 4.74
CA LEU B 193 -26.56 35.69 5.46
C LEU B 193 -26.40 35.15 6.87
N GLU B 194 -27.39 35.46 7.71
CA GLU B 194 -27.49 34.77 8.98
C GLU B 194 -27.69 33.29 8.71
N ILE B 195 -27.26 32.46 9.67
CA ILE B 195 -27.28 31.03 9.42
C ILE B 195 -28.67 30.62 8.93
N GLY B 196 -29.71 31.07 9.62
CA GLY B 196 -31.06 30.68 9.26
C GLY B 196 -31.42 31.07 7.85
N GLN B 197 -31.01 32.26 7.42
CA GLN B 197 -31.23 32.68 6.05
C GLN B 197 -30.42 31.83 5.07
N HIS B 198 -29.12 31.64 5.36
CA HIS B 198 -28.25 30.86 4.49
C HIS B 198 -28.80 29.45 4.27
N ARG B 199 -29.33 28.84 5.32
CA ARG B 199 -29.85 27.48 5.18
C ARG B 199 -31.08 27.43 4.31
N THR B 200 -31.92 28.48 4.33
CA THR B 200 -33.06 28.53 3.43
C THR B 200 -32.63 28.87 2.00
N LYS B 201 -31.65 29.77 1.84
CA LYS B 201 -31.07 29.98 0.54
C LYS B 201 -30.58 28.66 -0.05
N ILE B 202 -29.95 27.84 0.79
CA ILE B 202 -29.45 26.55 0.31
C ILE B 202 -30.58 25.66 -0.12
N GLU B 203 -31.69 25.67 0.62
CA GLU B 203 -32.83 24.87 0.18
C GLU B 203 -33.45 25.45 -1.09
N GLU B 204 -33.41 26.77 -1.27
CA GLU B 204 -33.83 27.32 -2.55
C GLU B 204 -33.03 26.71 -3.68
N LEU B 205 -31.70 26.78 -3.60
CA LEU B 205 -30.88 26.24 -4.67
C LEU B 205 -31.14 24.74 -4.84
N ARG B 206 -31.30 24.02 -3.74
CA ARG B 206 -31.59 22.57 -3.87
C ARG B 206 -32.85 22.39 -4.72
N GLN B 207 -33.88 23.18 -4.47
CA GLN B 207 -35.17 22.98 -5.19
C GLN B 207 -35.04 23.42 -6.64
N HIS B 208 -34.35 24.53 -6.89
CA HIS B 208 -34.13 24.99 -8.28
C HIS B 208 -33.43 23.87 -9.06
N LEU B 209 -32.36 23.32 -8.49
CA LEU B 209 -31.58 22.28 -9.20
C LEU B 209 -32.46 21.06 -9.43
N LEU B 210 -33.45 20.86 -8.56
CA LEU B 210 -34.31 19.66 -8.67
C LEU B 210 -35.40 19.89 -9.72
N ARG B 211 -35.87 21.13 -9.85
CA ARG B 211 -36.91 21.45 -10.85
C ARG B 211 -36.26 21.42 -12.24
N TRP B 212 -34.96 21.16 -12.30
CA TRP B 212 -34.25 21.14 -13.60
C TRP B 212 -33.64 19.76 -13.84
N GLY B 213 -33.82 18.82 -12.91
CA GLY B 213 -33.34 17.44 -13.15
C GLY B 213 -32.23 16.99 -12.22
N LEU B 214 -31.44 17.93 -11.70
CA LEU B 214 -30.27 17.53 -10.88
C LEU B 214 -30.72 17.12 -9.48
N THR B 215 -30.57 15.83 -9.15
CA THR B 215 -30.92 15.36 -7.78
C THR B 215 -29.78 15.72 -6.82
N THR B 216 -30.12 16.16 -5.62
CA THR B 216 -29.10 16.52 -4.61
C THR B 216 -29.43 15.80 -3.30
N PRO B 217 -28.59 14.83 -2.86
CA PRO B 217 -28.89 14.06 -1.65
C PRO B 217 -28.99 14.99 -0.44
N ASP B 218 -30.05 14.83 0.36
CA ASP B 218 -30.20 15.65 1.59
C ASP B 218 -31.52 15.30 2.27
N LYS B 219 -31.66 15.67 3.55
CA LYS B 219 -32.90 15.38 4.32
C LYS B 219 -34.08 16.11 3.67
N TYR B 232 -22.38 19.98 5.23
CA TYR B 232 -21.06 20.59 5.50
C TYR B 232 -21.22 22.10 5.59
N GLU B 233 -21.43 22.62 6.80
CA GLU B 233 -21.56 24.09 7.00
C GLU B 233 -20.22 24.61 7.50
N LEU B 234 -19.36 25.07 6.60
CA LEU B 234 -18.01 25.54 7.01
C LEU B 234 -18.02 27.05 7.16
N HIS B 235 -17.39 27.57 8.23
CA HIS B 235 -17.28 29.04 8.43
C HIS B 235 -15.83 29.41 8.14
N PRO B 236 -15.48 29.87 6.91
CA PRO B 236 -14.08 30.11 6.55
C PRO B 236 -13.53 31.43 7.07
N ASP B 237 -14.18 32.00 8.08
CA ASP B 237 -13.73 33.33 8.58
C ASP B 237 -12.55 33.15 9.53
N LYS B 238 -12.37 31.95 10.07
CA LYS B 238 -11.29 31.71 11.07
C LYS B 238 -10.21 30.83 10.46
N TRP B 239 -10.02 30.91 9.14
CA TRP B 239 -9.02 30.07 8.46
C TRP B 239 -7.76 30.89 8.15
N THR B 240 -6.78 30.87 9.05
CA THR B 240 -5.52 31.64 8.87
C THR B 240 -4.33 30.77 9.30
N VAL B 241 -3.14 31.35 9.38
CA VAL B 241 -1.98 30.59 9.92
C VAL B 241 -1.92 30.88 11.43
N GLN B 242 -2.38 29.94 12.25
CA GLN B 242 -2.46 30.17 13.72
C GLN B 242 -1.09 30.62 14.22
N PRO B 243 -1.02 31.44 15.30
CA PRO B 243 0.27 31.94 15.79
C PRO B 243 0.93 31.01 16.80
N ILE B 244 2.27 31.12 16.89
CA ILE B 244 3.04 30.27 17.80
C ILE B 244 2.77 30.70 19.25
N VAL B 245 2.89 29.75 20.16
CA VAL B 245 2.54 29.95 21.56
C VAL B 245 3.75 29.65 22.42
N LEU B 246 4.32 30.70 23.02
CA LEU B 246 5.42 30.49 23.99
C LEU B 246 4.76 30.25 25.35
N PRO B 247 5.18 29.24 26.13
CA PRO B 247 4.54 28.91 27.41
C PRO B 247 4.44 30.13 28.30
N GLU B 248 3.35 30.20 29.06
CA GLU B 248 3.10 31.29 30.00
C GLU B 248 3.13 30.70 31.41
N LYS B 249 4.13 31.11 32.21
CA LYS B 249 4.36 30.51 33.51
C LYS B 249 4.61 31.58 34.56
N ASP B 250 4.13 31.33 35.79
CA ASP B 250 4.40 32.24 36.90
C ASP B 250 5.87 32.19 37.29
N SER B 251 6.41 30.98 37.49
CA SER B 251 7.79 30.75 37.86
C SER B 251 8.48 29.88 36.81
N TRP B 252 9.80 29.96 36.76
CA TRP B 252 10.57 29.31 35.70
C TRP B 252 11.80 28.62 36.29
N THR B 253 12.22 27.51 35.65
CA THR B 253 13.34 26.68 36.12
C THR B 253 14.38 26.50 35.03
N VAL B 254 15.44 25.75 35.35
CA VAL B 254 16.50 25.49 34.39
C VAL B 254 15.94 24.82 33.15
N ASN B 255 15.11 23.78 33.37
CA ASN B 255 14.50 23.02 32.29
C ASN B 255 13.58 23.89 31.44
N ASP B 256 12.65 24.58 32.09
CA ASP B 256 11.72 25.46 31.39
C ASP B 256 12.47 26.45 30.50
N ILE B 257 13.45 27.14 31.04
CA ILE B 257 14.29 28.01 30.22
C ILE B 257 14.91 27.20 29.09
N GLN B 258 15.27 25.95 29.35
CA GLN B 258 15.93 25.16 28.32
C GLN B 258 14.94 24.78 27.21
N LYS B 259 13.76 24.29 27.60
CA LYS B 259 12.70 24.11 26.63
C LYS B 259 12.39 25.42 25.92
N LEU B 260 12.36 26.54 26.67
CA LEU B 260 12.00 27.81 26.07
C LEU B 260 13.07 28.29 25.09
N VAL B 261 14.35 28.15 25.45
CA VAL B 261 15.40 28.53 24.52
C VAL B 261 15.34 27.64 23.28
N GLY B 262 15.01 26.37 23.46
CA GLY B 262 14.98 25.44 22.34
C GLY B 262 13.91 25.78 21.33
N LYS B 263 12.65 25.91 21.77
CA LYS B 263 11.56 26.25 20.86
C LYS B 263 11.82 27.60 20.20
N LEU B 264 12.30 28.58 20.96
CA LEU B 264 12.60 29.88 20.37
C LEU B 264 13.66 29.76 19.30
N ASN B 265 14.64 28.90 19.53
CA ASN B 265 15.70 28.71 18.55
C ASN B 265 15.15 28.10 17.26
N TRP B 266 14.22 27.13 17.38
CA TRP B 266 13.58 26.53 16.22
C TRP B 266 12.74 27.55 15.46
N ALA B 267 12.01 28.40 16.19
CA ALA B 267 11.22 29.44 15.56
C ALA B 267 12.10 30.39 14.74
N SER B 268 13.39 30.50 15.06
CA SER B 268 14.26 31.42 14.31
C SER B 268 14.28 31.09 12.83
N GLN B 269 14.08 29.82 12.49
CA GLN B 269 14.18 29.43 11.06
C GLN B 269 12.96 29.93 10.31
N ILE B 270 11.96 30.44 11.04
CA ILE B 270 10.69 30.84 10.37
C ILE B 270 10.46 32.33 10.57
N TYR B 271 10.63 32.81 11.80
CA TYR B 271 10.54 34.26 12.07
C TYR B 271 11.95 34.73 12.42
N PRO B 272 12.80 35.11 11.44
CA PRO B 272 14.21 35.44 11.73
C PRO B 272 14.48 36.80 12.38
N GLY B 273 13.77 37.13 13.47
CA GLY B 273 14.05 38.38 14.21
C GLY B 273 13.94 38.15 15.69
N ILE B 274 14.08 36.89 16.12
CA ILE B 274 13.92 36.52 17.56
C ILE B 274 15.29 36.60 18.23
N LYS B 275 15.34 36.84 19.54
CA LYS B 275 16.64 37.03 20.23
C LYS B 275 16.61 36.29 21.57
N VAL B 276 17.69 35.58 21.93
CA VAL B 276 17.65 34.77 23.17
C VAL B 276 18.95 34.94 23.98
N ARG B 277 19.92 35.68 23.45
CA ARG B 277 21.21 35.76 24.16
C ARG B 277 21.02 36.06 25.65
N GLN B 278 20.15 37.02 25.97
CA GLN B 278 19.90 37.34 27.38
C GLN B 278 19.33 36.14 28.12
N LEU B 279 18.39 35.40 27.51
CA LEU B 279 17.78 34.24 28.17
C LEU B 279 18.79 33.09 28.37
N SER B 280 19.76 33.00 27.46
CA SER B 280 20.76 31.90 27.53
C SER B 280 21.64 32.10 28.76
N LYS B 281 22.10 33.32 28.98
CA LYS B 281 22.99 33.61 30.14
C LYS B 281 22.25 33.25 31.43
N LEU B 282 20.93 33.40 31.46
CA LEU B 282 20.15 33.13 32.69
C LEU B 282 20.67 31.85 33.33
N LEU B 283 21.19 30.92 32.53
CA LEU B 283 21.77 29.69 33.07
C LEU B 283 23.23 29.60 32.61
N ARG B 284 24.10 30.43 33.17
CA ARG B 284 25.51 30.45 32.68
C ARG B 284 26.24 29.22 33.24
N GLY B 285 26.08 28.94 34.52
CA GLY B 285 26.79 27.81 35.16
C GLY B 285 26.17 26.47 34.80
N THR B 286 26.60 25.40 35.47
CA THR B 286 26.00 24.10 35.21
C THR B 286 25.01 23.73 36.32
N LYS B 287 23.96 24.54 36.41
CA LYS B 287 22.95 24.38 37.46
C LYS B 287 22.17 23.07 37.28
N ALA B 288 21.47 22.66 38.33
CA ALA B 288 20.63 21.47 38.25
C ALA B 288 19.35 21.75 37.45
N LEU B 289 18.69 20.67 37.01
CA LEU B 289 17.57 20.84 36.09
C LEU B 289 16.35 21.44 36.76
N THR B 290 16.16 21.16 38.04
CA THR B 290 14.99 21.64 38.77
C THR B 290 15.26 22.94 39.52
N GLU B 291 16.33 23.65 39.15
CA GLU B 291 16.69 24.90 39.87
C GLU B 291 15.74 26.02 39.42
N VAL B 292 14.86 26.46 40.33
CA VAL B 292 13.99 27.62 39.99
C VAL B 292 14.90 28.83 39.87
N ILE B 293 14.99 29.40 38.66
CA ILE B 293 15.87 30.58 38.45
C ILE B 293 14.97 31.76 38.05
N PRO B 294 15.04 32.91 38.75
CA PRO B 294 14.27 34.09 38.38
C PRO B 294 14.80 34.67 37.07
N LEU B 295 14.09 35.63 36.47
CA LEU B 295 14.50 36.17 35.15
C LEU B 295 15.09 37.57 35.31
N THR B 296 16.19 37.85 34.62
CA THR B 296 16.85 39.15 34.69
C THR B 296 15.94 40.21 34.05
N GLU B 297 16.37 41.48 34.19
CA GLU B 297 15.71 42.55 33.44
C GLU B 297 16.13 42.51 31.97
N GLU B 298 17.43 42.33 31.69
CA GLU B 298 17.89 42.11 30.33
C GLU B 298 17.32 40.82 29.73
N ALA B 299 16.86 39.91 30.58
CA ALA B 299 16.22 38.68 30.11
C ALA B 299 14.77 38.93 29.70
N GLU B 300 13.94 39.31 30.67
CA GLU B 300 12.49 39.48 30.37
C GLU B 300 12.34 40.42 29.18
N LEU B 301 13.41 41.14 28.85
CA LEU B 301 13.38 42.03 27.67
C LEU B 301 12.96 41.23 26.45
N GLU B 302 13.56 40.05 26.26
CA GLU B 302 13.28 39.24 25.06
C GLU B 302 11.91 38.56 25.18
N LEU B 303 11.64 37.91 26.32
CA LEU B 303 10.40 37.15 26.42
C LEU B 303 9.21 37.97 25.93
N ALA B 304 9.22 39.28 26.15
CA ALA B 304 8.20 40.18 25.62
C ALA B 304 8.54 40.66 24.21
N GLU B 305 9.82 40.91 23.91
CA GLU B 305 10.20 41.29 22.55
C GLU B 305 9.93 40.17 21.55
N ASN B 306 10.12 38.91 21.97
CA ASN B 306 9.92 37.76 21.10
C ASN B 306 8.50 37.23 21.09
N ARG B 307 7.69 37.52 22.12
CA ARG B 307 6.28 37.12 22.07
C ARG B 307 5.47 38.01 21.13
N GLU B 308 6.05 39.11 20.65
CA GLU B 308 5.36 40.04 19.76
C GLU B 308 5.81 39.94 18.31
N ILE B 309 7.12 39.73 18.04
CA ILE B 309 7.53 39.41 16.68
C ILE B 309 6.94 38.08 16.23
N LEU B 310 6.26 37.37 17.14
CA LEU B 310 5.69 36.07 16.91
C LEU B 310 4.17 36.04 16.90
N LYS B 311 3.51 37.08 17.42
CA LYS B 311 2.07 37.21 17.21
C LYS B 311 1.75 37.79 15.84
N GLU B 312 2.76 38.25 15.10
CA GLU B 312 2.61 38.79 13.75
C GLU B 312 2.67 37.67 12.72
N PRO B 313 2.42 37.99 11.45
CA PRO B 313 2.64 37.02 10.38
C PRO B 313 4.04 37.15 9.77
N VAL B 314 4.35 36.17 8.93
CA VAL B 314 5.63 36.08 8.22
C VAL B 314 5.61 37.05 7.05
N HIS B 315 6.76 37.19 6.38
CA HIS B 315 6.89 38.03 5.21
C HIS B 315 7.51 37.21 4.08
N GLY B 316 7.01 37.42 2.86
CA GLY B 316 7.42 36.63 1.70
C GLY B 316 6.56 35.40 1.44
N VAL B 317 5.46 35.23 2.18
CA VAL B 317 4.67 34.00 2.14
C VAL B 317 3.54 34.20 1.12
N TYR B 318 3.78 33.80 -0.12
CA TYR B 318 2.74 33.93 -1.14
C TYR B 318 2.48 32.59 -1.81
N TYR B 319 1.20 32.29 -2.05
CA TYR B 319 0.84 31.07 -2.76
C TYR B 319 1.39 31.08 -4.19
N ASP B 320 1.95 29.96 -4.61
CA ASP B 320 2.40 29.80 -5.97
C ASP B 320 1.52 28.76 -6.69
N PRO B 321 0.79 29.14 -7.73
CA PRO B 321 -0.14 28.19 -8.37
C PRO B 321 0.51 27.25 -9.37
N SER B 322 1.80 27.41 -9.67
CA SER B 322 2.50 26.43 -10.50
C SER B 322 3.02 25.28 -9.66
N LYS B 323 2.98 25.42 -8.35
CA LYS B 323 3.55 24.43 -7.47
C LYS B 323 2.47 23.54 -6.87
N ASP B 324 2.90 22.58 -6.07
CA ASP B 324 2.00 21.65 -5.42
C ASP B 324 1.91 21.99 -3.94
N LEU B 325 0.74 21.76 -3.38
CA LEU B 325 0.54 21.99 -1.95
C LEU B 325 0.92 20.73 -1.17
N ILE B 326 1.60 20.94 -0.05
CA ILE B 326 2.10 19.89 0.83
C ILE B 326 1.40 20.05 2.16
N ALA B 327 0.86 18.97 2.70
CA ALA B 327 0.28 19.03 4.03
C ALA B 327 0.95 18.03 4.94
N GLU B 328 1.33 18.49 6.13
CA GLU B 328 2.03 17.69 7.13
C GLU B 328 1.19 17.69 8.41
N ILE B 329 0.97 16.51 8.97
CA ILE B 329 0.15 16.35 10.17
C ILE B 329 0.98 15.68 11.26
N GLN B 330 0.73 16.07 12.51
CA GLN B 330 1.45 15.47 13.65
C GLN B 330 0.44 15.07 14.74
N LYS B 331 0.61 13.90 15.35
CA LYS B 331 -0.28 13.47 16.41
C LYS B 331 0.15 14.12 17.72
N GLN B 332 -0.83 14.67 18.45
CA GLN B 332 -0.55 15.50 19.61
C GLN B 332 -0.95 14.88 20.94
N GLY B 333 -1.84 13.89 20.93
CA GLY B 333 -2.33 13.32 22.16
C GLY B 333 -3.74 13.76 22.50
N GLN B 334 -4.55 12.83 23.00
CA GLN B 334 -5.90 13.11 23.47
C GLN B 334 -6.76 13.71 22.35
N GLY B 335 -6.91 12.91 21.30
CA GLY B 335 -7.74 13.30 20.16
C GLY B 335 -7.35 14.63 19.54
N GLN B 336 -6.11 15.06 19.70
CA GLN B 336 -5.71 16.35 19.16
C GLN B 336 -4.61 16.20 18.11
N TRP B 337 -4.80 16.88 16.99
CA TRP B 337 -3.90 16.82 15.85
C TRP B 337 -3.61 18.22 15.36
N THR B 338 -2.42 18.42 14.82
CA THR B 338 -2.04 19.71 14.28
C THR B 338 -1.50 19.52 12.88
N TYR B 339 -1.67 20.55 12.06
CA TYR B 339 -1.24 20.47 10.67
C TYR B 339 -0.70 21.80 10.16
N GLN B 340 0.14 21.70 9.14
CA GLN B 340 0.61 22.86 8.40
C GLN B 340 0.51 22.56 6.91
N ILE B 341 0.21 23.59 6.13
CA ILE B 341 0.14 23.48 4.69
C ILE B 341 1.15 24.46 4.12
N TYR B 342 2.03 23.98 3.25
CA TYR B 342 3.08 24.81 2.69
C TYR B 342 3.38 24.39 1.27
N GLN B 343 4.29 25.12 0.63
CA GLN B 343 4.81 24.70 -0.67
C GLN B 343 6.32 24.71 -0.62
N GLU B 344 6.88 25.59 0.18
CA GLU B 344 8.31 25.61 0.48
C GLU B 344 8.49 25.47 1.98
N PRO B 345 9.56 24.82 2.42
CA PRO B 345 9.75 24.62 3.87
C PRO B 345 9.73 25.95 4.63
N PHE B 346 9.04 25.92 5.77
CA PHE B 346 8.95 27.03 6.71
C PHE B 346 8.22 28.26 6.16
N LYS B 347 7.43 28.12 5.10
CA LYS B 347 6.63 29.23 4.60
C LYS B 347 5.17 28.77 4.58
N ASN B 348 4.52 28.86 5.73
CA ASN B 348 3.23 28.22 5.89
C ASN B 348 2.14 29.08 5.29
N LEU B 349 1.43 28.52 4.30
CA LEU B 349 0.22 29.15 3.82
C LEU B 349 -0.90 29.04 4.84
N LYS B 350 -0.89 28.01 5.70
CA LYS B 350 -2.02 27.77 6.60
C LYS B 350 -1.57 26.77 7.65
N THR B 351 -2.13 26.88 8.86
CA THR B 351 -1.90 25.92 9.94
C THR B 351 -3.15 25.84 10.82
N GLY B 352 -3.36 24.68 11.43
CA GLY B 352 -4.61 24.48 12.14
C GLY B 352 -4.49 23.32 13.10
N LYS B 353 -5.61 23.05 13.78
CA LYS B 353 -5.67 22.09 14.87
C LYS B 353 -7.03 21.40 14.81
N TYR B 354 -7.04 20.12 14.49
CA TYR B 354 -8.25 19.32 14.50
C TYR B 354 -8.34 18.57 15.82
N ALA B 355 -9.52 18.59 16.44
CA ALA B 355 -9.76 17.92 17.71
C ALA B 355 -11.09 17.18 17.65
N ARG B 356 -11.01 15.85 17.66
CA ARG B 356 -12.24 15.03 17.62
C ARG B 356 -13.02 15.22 18.92
N MET B 357 -14.31 14.84 18.94
CA MET B 357 -15.11 14.92 20.19
C MET B 357 -15.99 13.68 20.28
N ALA B 360 -14.94 8.64 22.83
CA ALA B 360 -14.76 7.26 23.33
C ALA B 360 -14.93 6.28 22.16
N HIS B 361 -15.88 6.55 21.27
CA HIS B 361 -16.05 5.69 20.06
C HIS B 361 -15.00 6.09 19.04
N THR B 362 -14.07 6.97 19.43
CA THR B 362 -13.03 7.45 18.49
C THR B 362 -11.90 6.42 18.38
N ASN B 363 -10.93 6.68 17.50
CA ASN B 363 -9.84 5.75 17.27
C ASN B 363 -8.80 6.52 16.45
N ASP B 364 -7.52 6.15 16.57
CA ASP B 364 -6.47 6.96 15.95
C ASP B 364 -6.71 7.12 14.46
N VAL B 365 -7.04 6.01 13.79
CA VAL B 365 -7.21 6.04 12.35
C VAL B 365 -8.45 6.84 11.96
N LYS B 366 -9.53 6.71 12.73
CA LYS B 366 -10.72 7.49 12.44
C LYS B 366 -10.41 8.99 12.51
N GLN B 367 -9.55 9.40 13.45
CA GLN B 367 -9.23 10.81 13.58
C GLN B 367 -8.34 11.29 12.44
N LEU B 368 -7.30 10.52 12.12
CA LEU B 368 -6.42 10.92 11.02
C LEU B 368 -7.23 11.09 9.74
N THR B 369 -8.19 10.17 9.51
CA THR B 369 -9.06 10.16 8.33
C THR B 369 -9.92 11.41 8.24
N GLU B 370 -10.57 11.74 9.34
CA GLU B 370 -11.38 12.98 9.36
C GLU B 370 -10.43 14.14 9.14
N ALA B 371 -9.31 14.17 9.87
CA ALA B 371 -8.42 15.31 9.74
C ALA B 371 -8.07 15.54 8.28
N VAL B 372 -7.74 14.46 7.56
CA VAL B 372 -7.39 14.60 6.14
C VAL B 372 -8.56 15.18 5.36
N GLN B 373 -9.77 14.73 5.65
CA GLN B 373 -10.92 15.25 4.94
C GLN B 373 -11.11 16.73 5.23
N LYS B 374 -10.98 17.13 6.49
CA LYS B 374 -11.10 18.53 6.86
C LYS B 374 -10.02 19.37 6.17
N ILE B 375 -8.78 18.89 6.16
CA ILE B 375 -7.73 19.71 5.55
C ILE B 375 -7.96 19.85 4.06
N THR B 376 -8.35 18.77 3.38
CA THR B 376 -8.61 18.81 1.94
C THR B 376 -9.71 19.80 1.60
N THR B 377 -10.82 19.75 2.35
CA THR B 377 -11.91 20.68 2.08
C THR B 377 -11.44 22.13 2.23
N GLU B 378 -10.74 22.45 3.32
CA GLU B 378 -10.24 23.81 3.43
C GLU B 378 -9.43 24.15 2.20
N SER B 379 -8.56 23.23 1.81
CA SER B 379 -7.64 23.50 0.71
C SER B 379 -8.39 23.78 -0.58
N ILE B 380 -9.54 23.13 -0.80
CA ILE B 380 -10.30 23.35 -2.03
C ILE B 380 -10.92 24.74 -2.01
N VAL B 381 -11.52 25.11 -0.88
CA VAL B 381 -12.10 26.44 -0.73
C VAL B 381 -11.07 27.54 -0.95
N ILE B 382 -9.85 27.35 -0.43
CA ILE B 382 -8.89 28.45 -0.38
C ILE B 382 -8.12 28.57 -1.70
N TRP B 383 -7.78 27.46 -2.35
CA TRP B 383 -6.95 27.49 -3.54
C TRP B 383 -7.52 26.73 -4.73
N GLY B 384 -8.56 25.91 -4.55
CA GLY B 384 -9.09 25.13 -5.65
C GLY B 384 -8.23 23.98 -6.12
N LYS B 385 -7.35 23.45 -5.28
CA LYS B 385 -6.69 22.20 -5.56
C LYS B 385 -6.36 21.55 -4.22
N THR B 386 -6.03 20.26 -4.26
CA THR B 386 -5.80 19.59 -2.99
C THR B 386 -4.29 19.42 -2.71
N PRO B 387 -3.92 19.29 -1.43
CA PRO B 387 -2.52 19.02 -1.06
C PRO B 387 -2.18 17.52 -1.08
N LYS B 388 -0.88 17.25 -1.17
CA LYS B 388 -0.35 15.91 -1.00
C LYS B 388 0.09 15.74 0.46
N PHE B 389 -0.43 14.70 1.11
CA PHE B 389 -0.25 14.55 2.55
C PHE B 389 0.98 13.73 2.87
N LYS B 390 1.70 14.16 3.91
CA LYS B 390 2.72 13.37 4.58
C LYS B 390 2.09 12.77 5.85
N LEU B 391 1.65 11.52 5.76
CA LEU B 391 0.81 10.88 6.77
C LEU B 391 1.64 10.14 7.83
N PRO B 392 1.45 10.41 9.12
CA PRO B 392 2.21 9.65 10.19
C PRO B 392 1.52 8.34 10.59
N ILE B 393 1.71 7.33 9.73
CA ILE B 393 1.01 6.06 9.84
C ILE B 393 1.73 5.06 8.96
N GLN B 394 1.70 3.79 9.35
CA GLN B 394 2.29 2.74 8.52
C GLN B 394 1.52 2.62 7.21
N LYS B 395 2.26 2.54 6.10
CA LYS B 395 1.62 2.43 4.78
C LYS B 395 0.54 1.36 4.74
N GLU B 396 0.87 0.10 5.10
CA GLU B 396 -0.10 -0.99 4.91
C GLU B 396 -1.33 -0.82 5.78
N THR B 397 -1.16 -0.26 6.99
CA THR B 397 -2.30 -0.04 7.85
C THR B 397 -3.29 0.92 7.20
N TRP B 398 -2.77 2.04 6.67
CA TRP B 398 -3.61 3.05 6.03
C TRP B 398 -4.28 2.45 4.80
N GLU B 399 -3.55 1.67 4.02
CA GLU B 399 -4.13 1.12 2.77
C GLU B 399 -5.26 0.16 3.12
N THR B 400 -5.34 -0.26 4.39
CA THR B 400 -6.32 -1.25 4.81
C THR B 400 -7.61 -0.64 5.32
N TRP B 401 -7.50 0.43 6.10
CA TRP B 401 -8.61 0.98 6.88
C TRP B 401 -9.03 2.39 6.52
N TRP B 402 -8.38 3.04 5.54
CA TRP B 402 -8.80 4.40 5.21
C TRP B 402 -10.22 4.43 4.69
N THR B 403 -10.62 3.47 3.83
CA THR B 403 -11.99 3.46 3.29
C THR B 403 -13.06 3.32 4.34
N GLU B 404 -12.70 3.04 5.58
CA GLU B 404 -13.71 2.72 6.59
C GLU B 404 -14.35 3.98 7.17
N TYR B 405 -13.71 5.13 7.04
CA TYR B 405 -14.30 6.38 7.53
C TYR B 405 -14.30 7.44 6.44
N TRP B 406 -14.02 7.05 5.20
CA TRP B 406 -13.95 8.02 4.13
C TRP B 406 -15.36 8.43 3.73
N GLN B 407 -15.64 9.72 3.80
CA GLN B 407 -16.94 10.21 3.42
C GLN B 407 -16.91 11.09 2.17
N ALA B 408 -15.74 11.46 1.68
CA ALA B 408 -15.62 12.31 0.50
C ALA B 408 -15.73 11.48 -0.78
N THR B 409 -15.87 12.19 -1.91
CA THR B 409 -15.89 11.54 -3.21
C THR B 409 -14.60 11.70 -3.98
N TRP B 410 -13.83 12.76 -3.68
CA TRP B 410 -12.46 12.87 -4.16
C TRP B 410 -11.50 12.15 -3.21
N ILE B 411 -10.26 11.95 -3.68
CA ILE B 411 -9.18 11.35 -2.89
C ILE B 411 -7.87 12.10 -3.14
N PRO B 412 -7.28 12.71 -2.12
CA PRO B 412 -5.98 13.36 -2.30
C PRO B 412 -4.85 12.36 -2.49
N GLU B 413 -3.72 12.87 -2.99
CA GLU B 413 -2.45 12.15 -3.00
C GLU B 413 -1.87 12.03 -1.59
N TRP B 414 -1.11 10.96 -1.35
CA TRP B 414 -0.49 10.87 -0.04
C TRP B 414 0.77 10.02 -0.06
N GLU B 415 1.54 10.17 1.01
CA GLU B 415 2.70 9.33 1.24
C GLU B 415 2.89 9.25 2.74
N PHE B 416 3.77 8.36 3.18
CA PHE B 416 3.83 8.00 4.58
C PHE B 416 5.18 8.39 5.16
N VAL B 417 5.15 9.13 6.27
CA VAL B 417 6.35 9.47 7.01
C VAL B 417 6.76 8.28 7.84
N ASN B 418 8.07 8.12 7.98
CA ASN B 418 8.71 7.07 8.76
C ASN B 418 9.54 7.61 9.92
N THR B 419 10.00 8.85 9.81
CA THR B 419 10.79 9.52 10.83
C THR B 419 9.90 10.45 11.65
N PRO B 420 9.90 10.31 12.97
CA PRO B 420 8.98 11.10 13.81
C PRO B 420 9.45 12.53 13.96
N PRO B 421 8.61 13.40 14.54
CA PRO B 421 9.06 14.76 14.88
C PRO B 421 9.88 14.80 16.17
N LEU B 422 11.03 15.48 16.12
CA LEU B 422 11.92 15.56 17.28
C LEU B 422 11.19 16.12 18.51
N VAL B 423 10.54 17.28 18.35
CA VAL B 423 9.76 17.88 19.43
C VAL B 423 8.33 18.08 18.94
N LYS B 424 7.37 17.39 19.54
CA LYS B 424 5.97 17.48 19.05
C LYS B 424 5.37 18.84 19.45
N LEU B 425 5.65 19.30 20.66
CA LEU B 425 5.03 20.54 21.14
C LEU B 425 5.53 21.77 20.43
N TRP B 426 6.46 21.65 19.49
CA TRP B 426 6.93 22.85 18.80
C TRP B 426 5.81 23.51 18.00
N TYR B 427 4.94 22.69 17.43
CA TYR B 427 3.82 23.20 16.60
C TYR B 427 2.50 23.12 17.39
N GLN B 428 2.56 22.67 18.64
CA GLN B 428 1.33 22.51 19.44
C GLN B 428 0.49 23.79 19.44
N1 VW2 C . -10.05 -30.36 -2.28
C4 VW2 C . -12.72 -31.52 -0.09
C5 VW2 C . -10.34 -28.96 -1.79
C6 VW2 C . -11.78 -28.49 -2.26
C7 VW2 C . -12.34 -27.53 -4.49
C8 VW2 C . -13.62 -26.96 -4.46
C10 VW2 C . -13.71 -27.20 -6.85
C1 VW2 C . -8.95 -30.68 -3.21
C2 VW2 C . -10.81 -31.56 -1.81
O1 VW2 C . -10.69 -32.59 -2.27
C3 VW2 C . -11.76 -31.04 -0.74
O2 VW2 C . -11.51 -27.69 -3.37
O3 VW2 C . -10.45 -28.49 -5.65
C9 VW2 C . -14.30 -26.80 -5.65
C11 VW2 C . -12.44 -27.76 -6.88
C12 VW2 C . -11.74 -27.90 -5.69
C13 VW2 C . -9.39 -27.72 -6.16
C14 VW2 C . -9.46 -26.37 -5.92
C15 VW2 C . -8.47 -25.56 -6.35
C16 VW2 C . -7.37 -26.09 -7.02
C17 VW2 C . -8.25 -28.25 -6.84
C18 VW2 C . -7.79 -29.51 -7.25
C19 VW2 C . -6.52 -29.31 -7.93
C20 VW2 C . -5.57 -30.32 -8.59
C21 VW2 C . -6.30 -27.92 -7.87
N2 VW2 C . -7.30 -27.42 -7.25
N3 VW2 C . -4.85 -31.07 -9.09
CL1 VW2 C . -8.61 -23.81 -6.02
H5 VW2 C . -13.32 -31.59 0.77
H6 VW2 C . -12.12 -31.31 0.88
H8 VW2 C . -9.60 -28.27 -2.18
H7 VW2 C . -10.30 -28.94 -0.70
H9 VW2 C . -12.28 -27.93 -1.47
H10 VW2 C . -12.39 -29.35 -2.53
H11 VW2 C . -14.07 -26.64 -3.52
H13 VW2 C . -14.27 -27.09 -7.78
H1 VW2 C . -8.34 -29.79 -3.36
H2 VW2 C . -9.37 -31.00 -4.16
H3 VW2 C . -8.34 -31.47 -2.79
H4 VW2 C . -10.78 -31.26 -0.32
H12 VW2 C . -15.30 -26.36 -5.65
H14 VW2 C . -11.99 -28.07 -7.82
H15 VW2 C . -10.32 -25.97 -5.39
H16 VW2 C . -6.57 -25.42 -7.36
H17 VW2 C . -8.29 -30.47 -7.10
H18 VW2 C . -5.43 -27.39 -8.28
#